data_2OK8
#
_entry.id   2OK8
#
_cell.length_a   138.038
_cell.length_b   138.038
_cell.length_c   147.362
_cell.angle_alpha   90.00
_cell.angle_beta   90.00
_cell.angle_gamma   120.00
#
_symmetry.space_group_name_H-M   'P 32 2 1'
#
loop_
_entity.id
_entity.type
_entity.pdbx_description
1 polymer 'Putative ferredoxin--NADP reductase'
2 non-polymer 'CITRATE ANION'
3 non-polymer 'FLAVIN-ADENINE DINUCLEOTIDE'
4 water water
#
_entity_poly.entity_id   1
_entity_poly.type   'polypeptide(L)'
_entity_poly.pdbx_seq_one_letter_code
;KEENNFINLYTVKNPLKCKIVDKINLVRPNSPNEVYHLEINHNGLFKYLEGHTCGIIPYYNELDNNPNNQINKDHNIINT
TNHTNHNNIALSHIKKQRCARLYSISSSNNMENLSVAIKIHKYEQTENAPNITNYGYCSGFIKNLKINDDIYLTGAHGYF
NLPNDAIQKNTNFIFIATGTGISPYISFLKKLFAYDKNNLYNRNSNYTGYITIYYGVYNEDSILYLNELEYFQKMYPNNI
NIHYVFSYKQNSDATSFYVQDEIYKRKTEFLNLFNNYKCELYICGHKSIRYKVMDILKSHDQFDEKKKKRVHVEVY
;
_entity_poly.pdbx_strand_id   A,B,C,D
#
loop_
_chem_comp.id
_chem_comp.type
_chem_comp.name
_chem_comp.formula
FAD non-polymer 'FLAVIN-ADENINE DINUCLEOTIDE' 'C27 H33 N9 O15 P2'
FLC non-polymer 'CITRATE ANION' 'C6 H5 O7 -3'
#
# COMPACT_ATOMS: atom_id res chain seq x y z
N ASN A 5 -21.89 10.29 18.19
CA ASN A 5 -22.45 8.92 18.15
C ASN A 5 -21.67 7.94 19.03
N PHE A 6 -21.88 6.64 18.82
CA PHE A 6 -21.31 5.62 19.68
C PHE A 6 -19.85 5.29 19.42
N ILE A 7 -19.40 5.53 18.19
CA ILE A 7 -18.05 5.18 17.77
C ILE A 7 -17.02 6.01 18.54
N ASN A 8 -16.09 5.31 19.18
CA ASN A 8 -15.00 5.93 19.95
C ASN A 8 -15.39 6.88 21.09
N LEU A 9 -16.57 6.68 21.69
CA LEU A 9 -16.89 7.35 22.94
C LEU A 9 -15.79 7.17 23.99
N TYR A 10 -15.26 5.95 24.08
CA TYR A 10 -14.12 5.64 24.93
C TYR A 10 -12.99 5.14 24.06
N THR A 11 -11.78 5.61 24.34
CA THR A 11 -10.59 5.26 23.57
C THR A 11 -9.59 4.84 24.61
N VAL A 12 -8.41 4.38 24.20
CA VAL A 12 -7.37 4.00 25.18
C VAL A 12 -6.99 5.18 26.09
N LYS A 13 -7.24 6.40 25.62
CA LYS A 13 -6.95 7.63 26.37
C LYS A 13 -8.04 8.00 27.37
N ASN A 14 -9.26 7.49 27.18
CA ASN A 14 -10.27 7.55 28.23
C ASN A 14 -11.12 6.26 28.28
N PRO A 15 -10.51 5.13 28.69
CA PRO A 15 -11.27 3.88 28.71
C PRO A 15 -12.34 3.86 29.80
N LEU A 16 -13.36 3.03 29.62
CA LEU A 16 -14.42 2.90 30.60
C LEU A 16 -14.05 1.82 31.62
N LYS A 17 -14.05 2.19 32.91
CA LYS A 17 -13.82 1.22 33.97
C LYS A 17 -15.10 0.41 34.20
N CYS A 18 -14.95 -0.90 34.09
CA CYS A 18 -16.06 -1.83 34.15
C CYS A 18 -15.70 -2.93 35.14
N LYS A 19 -16.63 -3.84 35.40
CA LYS A 19 -16.43 -4.91 36.37
C LYS A 19 -16.91 -6.24 35.81
N ILE A 20 -16.13 -7.30 35.99
CA ILE A 20 -16.57 -8.65 35.65
C ILE A 20 -17.67 -9.10 36.59
N VAL A 21 -18.86 -9.32 36.04
CA VAL A 21 -20.02 -9.86 36.75
C VAL A 21 -20.11 -11.39 36.65
N ASP A 22 -19.72 -11.96 35.50
CA ASP A 22 -19.71 -13.43 35.30
C ASP A 22 -18.68 -13.85 34.23
N LYS A 23 -18.27 -15.11 34.30
CA LYS A 23 -17.29 -15.68 33.39
C LYS A 23 -17.58 -17.17 33.22
N ILE A 24 -18.17 -17.53 32.10
CA ILE A 24 -18.68 -18.89 31.87
C ILE A 24 -17.94 -19.50 30.68
N ASN A 25 -17.44 -20.74 30.83
CA ASN A 25 -16.95 -21.49 29.67
C ASN A 25 -18.14 -21.65 28.73
N LEU A 26 -17.91 -21.38 27.45
CA LEU A 26 -18.95 -21.52 26.46
C LEU A 26 -18.94 -22.88 25.79
N VAL A 27 -17.88 -23.64 25.98
CA VAL A 27 -17.76 -24.91 25.27
C VAL A 27 -18.06 -26.14 26.15
N ARG A 28 -18.30 -27.27 25.52
CA ARG A 28 -18.53 -28.52 26.25
C ARG A 28 -17.25 -29.37 26.22
N PRO A 29 -17.16 -30.42 27.09
CA PRO A 29 -15.88 -31.12 27.34
C PRO A 29 -15.07 -31.64 26.15
N ASN A 30 -15.73 -31.98 25.05
CA ASN A 30 -14.99 -32.46 23.87
C ASN A 30 -14.44 -31.36 22.95
N SER A 31 -14.60 -30.08 23.35
CA SER A 31 -14.00 -28.99 22.57
C SER A 31 -12.51 -28.87 22.88
N PRO A 32 -11.70 -28.74 21.83
CA PRO A 32 -10.29 -28.40 22.00
C PRO A 32 -10.06 -26.92 22.36
N ASN A 33 -11.12 -26.13 22.43
CA ASN A 33 -10.99 -24.69 22.65
C ASN A 33 -11.34 -24.33 24.08
N GLU A 34 -10.74 -23.26 24.56
CA GLU A 34 -11.16 -22.60 25.78
C GLU A 34 -11.70 -21.23 25.39
N VAL A 35 -13.00 -21.02 25.62
CA VAL A 35 -13.72 -19.81 25.25
C VAL A 35 -14.58 -19.43 26.43
N TYR A 36 -14.47 -18.16 26.86
CA TYR A 36 -15.26 -17.67 27.97
C TYR A 36 -16.20 -16.60 27.51
N HIS A 37 -17.43 -16.71 28.00
CA HIS A 37 -18.43 -15.66 27.95
C HIS A 37 -18.21 -14.79 29.20
N LEU A 38 -17.99 -13.49 28.97
CA LEU A 38 -17.82 -12.55 30.06
C LEU A 38 -19.02 -11.66 30.12
N GLU A 39 -19.65 -11.57 31.29
CA GLU A 39 -20.70 -10.59 31.51
C GLU A 39 -20.08 -9.39 32.25
N ILE A 40 -20.30 -8.20 31.72
CA ILE A 40 -19.54 -7.04 32.15
C ILE A 40 -20.48 -5.92 32.56
N ASN A 41 -20.33 -5.47 33.80
CA ASN A 41 -21.09 -4.35 34.35
C ASN A 41 -20.41 -3.07 33.95
N HIS A 42 -21.10 -2.27 33.13
CA HIS A 42 -20.56 -1.02 32.65
C HIS A 42 -21.35 0.19 33.17
N ASN A 43 -22.22 -0.06 34.15
CA ASN A 43 -23.08 0.96 34.77
C ASN A 43 -23.95 1.76 33.80
N GLY A 44 -24.30 1.16 32.66
CA GLY A 44 -25.12 1.82 31.62
C GLY A 44 -24.36 2.82 30.76
N LEU A 45 -23.05 2.87 30.93
CA LEU A 45 -22.24 3.92 30.34
C LEU A 45 -21.71 3.61 28.95
N PHE A 46 -21.59 2.32 28.64
CA PHE A 46 -21.07 1.87 27.33
C PHE A 46 -22.21 1.79 26.33
N LYS A 47 -22.13 2.62 25.30
CA LYS A 47 -23.18 2.71 24.31
C LYS A 47 -22.80 1.92 23.07
N TYR A 48 -23.71 1.09 22.60
CA TYR A 48 -23.44 0.30 21.41
C TYR A 48 -24.70 -0.08 20.67
N LEU A 49 -24.57 -0.31 19.37
CA LEU A 49 -25.58 -1.00 18.58
C LEU A 49 -25.20 -2.47 18.44
N GLU A 50 -26.19 -3.32 18.23
CA GLU A 50 -25.95 -4.71 17.86
C GLU A 50 -24.96 -4.78 16.68
N GLY A 51 -23.96 -5.65 16.78
CA GLY A 51 -22.90 -5.76 15.76
C GLY A 51 -21.60 -5.04 16.11
N HIS A 52 -21.64 -4.15 17.08
CA HIS A 52 -20.46 -3.39 17.47
C HIS A 52 -19.49 -4.25 18.27
N THR A 53 -18.23 -3.88 18.24
CA THR A 53 -17.25 -4.49 19.10
C THR A 53 -16.92 -3.53 20.24
N CYS A 54 -16.30 -4.06 21.29
CA CYS A 54 -15.70 -3.22 22.27
C CYS A 54 -14.23 -3.58 22.29
N GLY A 55 -13.41 -2.68 22.83
CA GLY A 55 -12.00 -2.96 23.00
C GLY A 55 -11.75 -3.28 24.43
N ILE A 56 -10.85 -4.21 24.69
CA ILE A 56 -10.40 -4.46 26.05
C ILE A 56 -8.92 -4.13 26.11
N ILE A 57 -8.52 -3.37 27.13
CA ILE A 57 -7.12 -3.08 27.33
C ILE A 57 -6.59 -4.04 28.39
N PRO A 58 -5.77 -5.02 27.95
CA PRO A 58 -5.26 -5.95 28.95
C PRO A 58 -4.42 -5.25 30.01
N TYR A 59 -4.63 -5.64 31.25
CA TYR A 59 -3.79 -5.29 32.41
C TYR A 59 -3.84 -3.85 32.81
N TYR A 60 -4.70 -3.09 32.14
CA TYR A 60 -4.83 -1.69 32.45
C TYR A 60 -5.18 -1.44 33.91
N ASN A 61 -4.57 -0.40 34.46
CA ASN A 61 -4.92 0.13 35.75
C ASN A 61 -4.80 1.64 35.67
N GLU A 62 -5.82 2.35 36.13
CA GLU A 62 -5.80 3.82 36.20
C GLU A 62 -4.57 4.35 36.92
N ARG A 98 -3.93 -2.24 17.49
CA ARG A 98 -3.67 -1.22 18.51
C ARG A 98 -3.11 -1.83 19.79
N CYS A 99 -3.65 -1.42 20.93
CA CYS A 99 -3.38 -2.14 22.17
C CYS A 99 -4.64 -2.81 22.74
N ALA A 100 -5.80 -2.22 22.46
CA ALA A 100 -7.07 -2.80 22.85
C ALA A 100 -7.42 -3.92 21.86
N ARG A 101 -7.67 -5.11 22.38
CA ARG A 101 -8.20 -6.15 21.52
C ARG A 101 -9.71 -5.97 21.37
N LEU A 102 -10.20 -6.13 20.14
CA LEU A 102 -11.62 -5.99 19.83
C LEU A 102 -12.38 -7.32 20.05
N TYR A 103 -13.58 -7.22 20.62
CA TYR A 103 -14.45 -8.38 20.85
C TYR A 103 -15.85 -7.99 20.46
N SER A 104 -16.49 -8.80 19.63
CA SER A 104 -17.89 -8.56 19.32
C SER A 104 -18.76 -8.67 20.56
N ILE A 105 -19.67 -7.72 20.69
CA ILE A 105 -20.60 -7.75 21.80
C ILE A 105 -21.71 -8.75 21.46
N SER A 106 -21.95 -9.69 22.37
CA SER A 106 -22.94 -10.77 22.14
C SER A 106 -24.31 -10.51 22.82
N SER A 107 -24.40 -9.41 23.56
CA SER A 107 -25.63 -8.99 24.21
C SER A 107 -26.38 -7.97 23.39
N SER A 108 -27.67 -7.81 23.66
CA SER A 108 -28.40 -6.74 23.02
C SER A 108 -28.42 -5.50 23.92
N ASN A 109 -28.55 -4.33 23.29
CA ASN A 109 -28.78 -3.01 23.92
C ASN A 109 -29.54 -2.95 25.23
N ASN A 110 -30.67 -3.63 25.30
CA ASN A 110 -31.55 -3.50 26.47
C ASN A 110 -31.24 -4.44 27.60
N MET A 111 -30.19 -5.25 27.45
CA MET A 111 -29.59 -5.94 28.58
C MET A 111 -28.84 -4.90 29.41
N GLU A 112 -28.85 -5.08 30.73
CA GLU A 112 -28.16 -4.16 31.63
C GLU A 112 -26.64 -4.23 31.49
N ASN A 113 -26.11 -5.45 31.60
CA ASN A 113 -24.72 -5.73 31.37
C ASN A 113 -24.47 -5.99 29.89
N LEU A 114 -23.20 -6.02 29.50
CA LEU A 114 -22.83 -6.44 28.16
C LEU A 114 -22.09 -7.74 28.25
N SER A 115 -22.07 -8.47 27.14
CA SER A 115 -21.36 -9.73 27.11
C SER A 115 -20.50 -9.82 25.90
N VAL A 116 -19.52 -10.70 25.99
CA VAL A 116 -18.48 -10.83 25.02
C VAL A 116 -18.02 -12.28 25.15
N ALA A 117 -17.63 -12.89 24.03
CA ALA A 117 -17.15 -14.26 24.00
C ALA A 117 -15.70 -14.23 23.56
N ILE A 118 -14.81 -14.73 24.41
CA ILE A 118 -13.38 -14.61 24.16
C ILE A 118 -12.68 -15.96 24.13
N LYS A 119 -12.13 -16.29 22.96
CA LYS A 119 -11.29 -17.47 22.81
C LYS A 119 -9.92 -17.24 23.45
N ILE A 120 -9.45 -18.24 24.18
CA ILE A 120 -8.13 -18.20 24.77
C ILE A 120 -7.12 -18.81 23.81
N HIS A 121 -6.27 -17.97 23.22
CA HIS A 121 -5.22 -18.42 22.29
C HIS A 121 -3.95 -18.85 23.03
N LYS A 122 -3.42 -20.01 22.63
CA LYS A 122 -2.23 -20.63 23.24
C LYS A 122 -1.25 -21.05 22.14
N TYR A 123 0.02 -21.16 22.51
CA TYR A 123 1.09 -21.55 21.59
C TYR A 123 2.32 -22.06 22.37
N GLU A 124 3.34 -22.50 21.62
CA GLU A 124 4.61 -22.96 22.16
C GLU A 124 5.74 -22.20 21.46
N THR A 133 0.65 -23.73 27.91
CA THR A 133 2.01 -23.18 28.04
C THR A 133 2.01 -21.65 27.93
N ASN A 134 2.09 -21.13 26.71
CA ASN A 134 2.12 -19.67 26.45
C ASN A 134 0.82 -19.13 25.86
N TYR A 135 0.38 -17.99 26.37
CA TYR A 135 -0.88 -17.38 25.95
C TYR A 135 -0.68 -16.10 25.15
N GLY A 136 -1.66 -15.75 24.30
CA GLY A 136 -1.73 -14.45 23.66
C GLY A 136 -1.81 -13.40 24.74
N TYR A 137 -1.53 -12.15 24.38
CA TYR A 137 -1.49 -11.08 25.37
C TYR A 137 -2.82 -10.87 26.10
N CYS A 138 -3.90 -10.67 25.33
CA CYS A 138 -5.21 -10.49 25.97
C CYS A 138 -5.77 -11.83 26.50
N SER A 139 -5.57 -12.91 25.74
CA SER A 139 -5.91 -14.27 26.16
C SER A 139 -5.42 -14.64 27.57
N GLY A 140 -4.12 -14.41 27.85
CA GLY A 140 -3.57 -14.67 29.17
C GLY A 140 -4.19 -13.85 30.26
N PHE A 141 -4.53 -12.60 29.92
CA PHE A 141 -5.21 -11.69 30.83
C PHE A 141 -6.63 -12.18 31.17
N ILE A 142 -7.38 -12.60 30.14
CA ILE A 142 -8.76 -13.07 30.30
C ILE A 142 -8.80 -14.41 31.04
N LYS A 143 -7.83 -15.27 30.75
CA LYS A 143 -7.64 -16.53 31.45
C LYS A 143 -7.59 -16.31 32.97
N ASN A 144 -6.75 -15.38 33.41
CA ASN A 144 -6.54 -15.15 34.84
C ASN A 144 -7.52 -14.17 35.49
N LEU A 145 -8.40 -13.58 34.68
CA LEU A 145 -9.41 -12.65 35.19
C LEU A 145 -10.41 -13.38 36.07
N LYS A 146 -10.87 -12.69 37.11
CA LYS A 146 -11.83 -13.24 38.06
C LYS A 146 -13.08 -12.38 38.09
N ILE A 147 -14.18 -12.98 38.54
CA ILE A 147 -15.43 -12.25 38.78
C ILE A 147 -15.11 -11.14 39.78
N ASN A 148 -15.73 -9.97 39.59
CA ASN A 148 -15.53 -8.79 40.42
C ASN A 148 -14.26 -7.99 40.10
N ASP A 149 -13.44 -8.51 39.18
CA ASP A 149 -12.29 -7.76 38.68
C ASP A 149 -12.67 -6.59 37.79
N ASP A 150 -11.81 -5.57 37.79
CA ASP A 150 -11.94 -4.43 36.91
C ASP A 150 -11.50 -4.84 35.51
N ILE A 151 -12.18 -4.26 34.52
CA ILE A 151 -11.80 -4.43 33.12
C ILE A 151 -12.02 -3.09 32.45
N TYR A 152 -11.15 -2.72 31.52
CA TYR A 152 -11.23 -1.41 30.88
C TYR A 152 -11.60 -1.50 29.42
N LEU A 153 -12.61 -0.75 29.02
CA LEU A 153 -13.18 -0.86 27.68
C LEU A 153 -13.05 0.41 26.85
N THR A 154 -12.94 0.21 25.54
CA THR A 154 -12.98 1.31 24.59
C THR A 154 -14.11 0.98 23.61
N GLY A 155 -14.56 1.98 22.86
CA GLY A 155 -15.61 1.76 21.89
C GLY A 155 -16.79 2.69 22.04
N ALA A 156 -17.81 2.54 21.19
CA ALA A 156 -17.99 1.38 20.29
C ALA A 156 -17.04 1.39 19.09
N HIS A 157 -16.84 0.23 18.48
CA HIS A 157 -16.04 0.19 17.25
C HIS A 157 -16.84 -0.58 16.21
N GLY A 158 -16.59 -0.27 14.94
CA GLY A 158 -17.09 -1.06 13.83
C GLY A 158 -18.41 -0.63 13.23
N TYR A 159 -18.72 -1.20 12.07
CA TYR A 159 -19.86 -0.82 11.26
C TYR A 159 -20.67 -2.04 10.85
N PHE A 160 -20.46 -3.15 11.56
CA PHE A 160 -21.11 -4.44 11.30
C PHE A 160 -22.47 -4.50 11.95
N ASN A 161 -23.36 -3.63 11.52
CA ASN A 161 -24.66 -3.46 12.15
C ASN A 161 -25.82 -3.92 11.27
N LEU A 162 -26.98 -4.08 11.88
CA LEU A 162 -28.21 -4.32 11.13
C LEU A 162 -28.63 -3.08 10.35
N PRO A 163 -29.36 -3.27 9.24
CA PRO A 163 -30.04 -2.09 8.69
C PRO A 163 -31.10 -1.57 9.67
N ASN A 164 -31.27 -0.25 9.76
CA ASN A 164 -32.31 0.31 10.65
C ASN A 164 -33.74 -0.06 10.25
N ASP A 165 -33.89 -0.45 8.99
CA ASP A 165 -35.17 -0.87 8.41
C ASP A 165 -35.63 -2.24 8.94
N ALA A 166 -34.70 -3.02 9.51
CA ALA A 166 -34.79 -4.48 9.58
C ALA A 166 -36.13 -5.06 10.04
N ILE A 167 -36.57 -4.67 11.23
CA ILE A 167 -37.78 -5.23 11.84
C ILE A 167 -39.07 -4.79 11.10
N GLN A 168 -39.09 -3.55 10.60
CA GLN A 168 -40.22 -3.04 9.81
C GLN A 168 -40.27 -3.59 8.39
N LYS A 169 -39.11 -3.63 7.73
CA LYS A 169 -38.97 -4.14 6.37
C LYS A 169 -38.97 -5.68 6.27
N ASN A 170 -38.91 -6.35 7.42
CA ASN A 170 -38.76 -7.82 7.51
C ASN A 170 -37.62 -8.33 6.63
N THR A 171 -36.43 -7.76 6.82
CA THR A 171 -35.30 -8.02 5.96
C THR A 171 -34.85 -9.47 6.11
N ASN A 172 -34.54 -10.12 4.99
CA ASN A 172 -33.98 -11.46 5.02
C ASN A 172 -32.49 -11.38 5.20
N PHE A 173 -31.94 -12.35 5.91
CA PHE A 173 -30.51 -12.37 6.24
C PHE A 173 -29.83 -13.71 5.96
N ILE A 174 -28.63 -13.67 5.42
CA ILE A 174 -27.71 -14.77 5.55
C ILE A 174 -26.61 -14.35 6.52
N PHE A 175 -26.39 -15.14 7.58
CA PHE A 175 -25.30 -14.91 8.52
C PHE A 175 -24.27 -16.02 8.36
N ILE A 176 -23.05 -15.68 7.96
CA ILE A 176 -21.98 -16.68 7.90
C ILE A 176 -20.98 -16.42 9.03
N ALA A 177 -20.68 -17.48 9.79
CA ALA A 177 -19.79 -17.37 10.94
C ALA A 177 -18.83 -18.56 11.09
N THR A 178 -17.68 -18.29 11.69
CA THR A 178 -16.76 -19.33 12.15
C THR A 178 -16.32 -18.96 13.56
N GLY A 179 -16.20 -19.95 14.43
CA GLY A 179 -15.70 -19.75 15.81
C GLY A 179 -16.46 -18.70 16.60
N THR A 180 -15.74 -17.69 17.09
CA THR A 180 -16.35 -16.62 17.86
C THR A 180 -17.11 -15.66 16.97
N GLY A 181 -17.06 -15.85 15.67
CA GLY A 181 -17.81 -15.04 14.72
C GLY A 181 -19.31 -15.12 14.89
N ILE A 182 -19.79 -16.01 15.76
CA ILE A 182 -21.22 -16.08 16.03
C ILE A 182 -21.75 -14.93 16.90
N SER A 183 -20.89 -14.30 17.70
CA SER A 183 -21.32 -13.32 18.71
C SER A 183 -22.15 -12.18 18.17
N PRO A 184 -21.70 -11.50 17.08
CA PRO A 184 -22.58 -10.43 16.59
C PRO A 184 -23.97 -10.94 16.19
N TYR A 185 -24.07 -12.19 15.76
CA TYR A 185 -25.35 -12.72 15.30
C TYR A 185 -26.27 -13.06 16.45
N ILE A 186 -25.68 -13.39 17.59
CA ILE A 186 -26.41 -13.60 18.82
C ILE A 186 -27.12 -12.32 19.18
N SER A 187 -26.41 -11.19 19.10
CA SER A 187 -27.02 -9.88 19.41
C SER A 187 -28.04 -9.46 18.36
N PHE A 188 -27.77 -9.79 17.10
CA PHE A 188 -28.73 -9.56 16.01
C PHE A 188 -30.04 -10.30 16.29
N LEU A 189 -29.94 -11.56 16.67
CA LEU A 189 -31.11 -12.39 16.95
C LEU A 189 -31.89 -11.88 18.16
N LYS A 190 -31.18 -11.61 19.26
CA LYS A 190 -31.78 -11.03 20.46
C LYS A 190 -32.53 -9.73 20.16
N LYS A 191 -31.99 -8.92 19.27
CA LYS A 191 -32.69 -7.71 18.82
C LYS A 191 -33.91 -8.00 17.93
N LEU A 192 -33.68 -8.65 16.79
CA LEU A 192 -34.75 -8.96 15.84
C LEU A 192 -35.97 -9.70 16.44
N PHE A 193 -35.73 -10.64 17.35
CA PHE A 193 -36.80 -11.43 17.96
C PHE A 193 -37.11 -11.04 19.41
N ALA A 194 -36.71 -9.82 19.80
CA ALA A 194 -36.96 -9.22 21.13
C ALA A 194 -36.85 -10.23 22.27
N TYR A 195 -35.62 -10.66 22.54
CA TYR A 195 -35.33 -11.68 23.53
C TYR A 195 -35.61 -11.21 24.96
N ASP A 196 -35.90 -12.17 25.85
CA ASP A 196 -36.21 -11.89 27.25
C ASP A 196 -35.90 -13.10 28.13
N ARG A 203 -42.92 -14.76 22.72
CA ARG A 203 -42.60 -14.44 21.34
C ARG A 203 -42.95 -12.98 21.02
N ASN A 204 -42.11 -12.07 21.49
CA ASN A 204 -42.38 -10.62 21.38
C ASN A 204 -42.07 -10.05 19.99
N SER A 205 -41.67 -10.93 19.07
CA SER A 205 -41.16 -10.55 17.75
C SER A 205 -42.20 -9.94 16.80
N ASN A 206 -41.89 -8.76 16.27
CA ASN A 206 -42.64 -8.15 15.16
C ASN A 206 -42.01 -8.53 13.82
N TYR A 207 -40.80 -9.07 13.90
CA TYR A 207 -39.99 -9.44 12.74
C TYR A 207 -40.46 -10.76 12.14
N THR A 208 -40.72 -10.75 10.84
CA THR A 208 -41.16 -11.96 10.13
C THR A 208 -40.29 -12.30 8.91
N GLY A 209 -39.07 -11.77 8.88
CA GLY A 209 -38.11 -12.11 7.83
C GLY A 209 -37.49 -13.47 8.06
N TYR A 210 -36.68 -13.90 7.12
CA TYR A 210 -36.07 -15.22 7.18
C TYR A 210 -34.54 -15.12 7.32
N ILE A 211 -34.01 -15.89 8.27
CA ILE A 211 -32.59 -15.92 8.59
C ILE A 211 -31.98 -17.31 8.36
N THR A 212 -30.93 -17.35 7.57
CA THR A 212 -30.17 -18.55 7.35
C THR A 212 -28.76 -18.35 7.90
N ILE A 213 -28.35 -19.28 8.78
CA ILE A 213 -27.05 -19.22 9.44
C ILE A 213 -26.18 -20.40 9.01
N TYR A 214 -25.00 -20.10 8.50
CA TYR A 214 -23.95 -21.08 8.28
C TYR A 214 -22.91 -20.85 9.35
N TYR A 215 -22.77 -21.82 10.26
CA TYR A 215 -21.85 -21.72 11.39
C TYR A 215 -20.83 -22.87 11.45
N GLY A 216 -19.58 -22.53 11.22
CA GLY A 216 -18.48 -23.47 11.17
C GLY A 216 -17.67 -23.48 12.44
N VAL A 217 -17.57 -24.65 13.06
CA VAL A 217 -16.77 -24.86 14.27
C VAL A 217 -15.99 -26.20 14.20
N TYR A 218 -15.07 -26.42 15.16
CA TYR A 218 -14.30 -27.67 15.22
C TYR A 218 -15.19 -28.91 15.33
N ASN A 219 -16.11 -28.89 16.29
CA ASN A 219 -17.04 -29.98 16.53
C ASN A 219 -18.23 -29.42 17.25
N GLU A 220 -19.18 -30.28 17.56
CA GLU A 220 -20.45 -29.94 18.21
C GLU A 220 -20.29 -29.28 19.56
N ASP A 221 -19.31 -29.76 20.32
CA ASP A 221 -19.03 -29.21 21.64
C ASP A 221 -18.41 -27.82 21.59
N SER A 222 -17.99 -27.40 20.40
CA SER A 222 -17.35 -26.11 20.18
C SER A 222 -18.33 -25.05 19.68
N ILE A 223 -19.59 -25.44 19.48
CA ILE A 223 -20.62 -24.49 19.08
C ILE A 223 -20.81 -23.50 20.22
N LEU A 224 -20.51 -22.23 19.95
CA LEU A 224 -20.69 -21.16 20.94
C LEU A 224 -22.11 -20.65 20.95
N TYR A 225 -22.61 -20.32 22.15
CA TYR A 225 -24.01 -19.91 22.33
C TYR A 225 -25.01 -20.92 21.80
N LEU A 226 -24.69 -22.20 21.96
CA LEU A 226 -25.55 -23.31 21.57
C LEU A 226 -26.96 -23.15 22.09
N ASN A 227 -27.09 -22.85 23.38
CA ASN A 227 -28.41 -22.74 24.01
C ASN A 227 -29.27 -21.64 23.43
N GLU A 228 -28.64 -20.51 23.12
CA GLU A 228 -29.34 -19.39 22.48
C GLU A 228 -29.75 -19.74 21.05
N LEU A 229 -28.83 -20.36 20.30
CA LEU A 229 -29.14 -20.79 18.94
C LEU A 229 -30.28 -21.83 18.93
N GLU A 230 -30.21 -22.77 19.86
CA GLU A 230 -31.25 -23.80 20.01
C GLU A 230 -32.60 -23.16 20.36
N TYR A 231 -32.57 -22.16 21.22
CA TYR A 231 -33.76 -21.42 21.62
C TYR A 231 -34.46 -20.74 20.47
N PHE A 232 -33.71 -19.92 19.70
CA PHE A 232 -34.29 -19.18 18.58
C PHE A 232 -34.81 -20.09 17.50
N GLN A 233 -34.08 -21.16 17.23
CA GLN A 233 -34.50 -22.13 16.23
C GLN A 233 -35.79 -22.86 16.62
N LYS A 234 -35.91 -23.28 17.87
CA LYS A 234 -37.13 -23.94 18.33
C LYS A 234 -38.33 -22.98 18.44
N MET A 235 -38.09 -21.75 18.90
CA MET A 235 -39.13 -20.75 19.03
C MET A 235 -39.60 -20.17 17.70
N TYR A 236 -38.68 -20.09 16.73
CA TYR A 236 -38.96 -19.45 15.45
C TYR A 236 -38.56 -20.30 14.24
N PRO A 237 -39.08 -21.56 14.18
CA PRO A 237 -38.63 -22.55 13.20
C PRO A 237 -38.98 -22.24 11.75
N ASN A 238 -39.89 -21.28 11.53
CA ASN A 238 -40.19 -20.80 10.17
C ASN A 238 -39.43 -19.51 9.79
N ASN A 239 -38.70 -18.94 10.74
CA ASN A 239 -37.90 -17.74 10.50
C ASN A 239 -36.39 -17.94 10.51
N ILE A 240 -35.95 -19.07 11.04
CA ILE A 240 -34.54 -19.31 11.27
C ILE A 240 -34.18 -20.71 10.79
N ASN A 241 -33.12 -20.79 9.99
CA ASN A 241 -32.55 -22.05 9.58
C ASN A 241 -31.04 -22.01 9.91
N ILE A 242 -30.56 -22.93 10.75
CA ILE A 242 -29.15 -22.96 11.14
C ILE A 242 -28.47 -24.20 10.60
N HIS A 243 -27.33 -24.00 9.95
CA HIS A 243 -26.52 -25.09 9.42
C HIS A 243 -25.17 -25.10 10.12
N TYR A 244 -24.95 -26.12 10.95
CA TYR A 244 -23.66 -26.33 11.61
C TYR A 244 -22.75 -27.11 10.69
N VAL A 245 -21.49 -26.69 10.64
CA VAL A 245 -20.45 -27.35 9.88
C VAL A 245 -19.34 -27.63 10.86
N PHE A 246 -18.96 -28.91 10.97
CA PHE A 246 -17.85 -29.29 11.87
C PHE A 246 -16.65 -29.68 11.06
N SER A 247 -15.52 -29.04 11.35
CA SER A 247 -14.32 -29.23 10.59
C SER A 247 -13.41 -30.30 11.21
N TYR A 248 -13.48 -30.45 12.53
CA TYR A 248 -12.49 -31.29 13.26
C TYR A 248 -11.06 -30.87 12.93
N LYS A 249 -10.87 -29.56 12.75
CA LYS A 249 -9.54 -28.99 12.52
C LYS A 249 -9.41 -27.66 13.25
N GLN A 250 -8.37 -27.56 14.08
CA GLN A 250 -8.08 -26.35 14.83
C GLN A 250 -7.62 -25.19 13.94
N ASN A 251 -7.11 -25.54 12.75
CA ASN A 251 -6.74 -24.57 11.74
C ASN A 251 -7.94 -23.82 11.14
N SER A 252 -7.98 -22.50 11.33
CA SER A 252 -9.07 -21.65 10.83
C SER A 252 -9.26 -21.63 9.31
N ASP A 253 -8.16 -21.70 8.58
CA ASP A 253 -8.19 -21.74 7.13
C ASP A 253 -8.82 -23.04 6.61
N ALA A 254 -8.71 -24.11 7.38
CA ALA A 254 -9.36 -25.37 7.02
C ALA A 254 -10.85 -25.35 7.37
N THR A 255 -11.18 -24.77 8.52
CA THR A 255 -12.58 -24.57 8.94
C THR A 255 -13.36 -23.75 7.91
N SER A 256 -12.75 -22.67 7.42
CA SER A 256 -13.42 -21.81 6.45
C SER A 256 -13.65 -22.51 5.10
N PHE A 257 -12.74 -23.41 4.72
CA PHE A 257 -12.94 -24.24 3.54
C PHE A 257 -14.12 -25.21 3.71
N TYR A 258 -14.30 -25.77 4.91
CA TYR A 258 -15.47 -26.61 5.21
C TYR A 258 -16.77 -25.83 5.13
N VAL A 259 -16.74 -24.57 5.54
CA VAL A 259 -17.92 -23.72 5.43
C VAL A 259 -18.20 -23.41 3.98
N GLN A 260 -17.17 -23.00 3.23
CA GLN A 260 -17.31 -22.77 1.78
C GLN A 260 -17.90 -23.99 1.07
N ASP A 261 -17.49 -25.17 1.52
CA ASP A 261 -17.91 -26.45 1.01
C ASP A 261 -19.36 -26.81 1.38
N GLU A 262 -19.80 -26.51 2.60
CA GLU A 262 -21.23 -26.61 2.95
C GLU A 262 -22.11 -25.69 2.10
N ILE A 263 -21.63 -24.47 1.89
CA ILE A 263 -22.38 -23.49 1.12
C ILE A 263 -22.47 -23.93 -0.34
N TYR A 264 -21.35 -24.41 -0.92
CA TYR A 264 -21.39 -25.08 -2.23
C TYR A 264 -22.41 -26.23 -2.29
N LYS A 265 -22.47 -27.06 -1.27
CA LYS A 265 -23.43 -28.17 -1.24
C LYS A 265 -24.86 -27.66 -1.18
N ARG A 266 -25.03 -26.48 -0.58
CA ARG A 266 -26.33 -25.87 -0.41
C ARG A 266 -26.50 -24.62 -1.29
N LYS A 267 -25.81 -24.61 -2.43
CA LYS A 267 -25.73 -23.42 -3.28
C LYS A 267 -27.07 -22.93 -3.83
N THR A 268 -28.01 -23.83 -4.03
CA THR A 268 -29.33 -23.46 -4.52
C THR A 268 -30.07 -22.68 -3.46
N GLU A 269 -30.04 -23.17 -2.21
CA GLU A 269 -30.51 -22.39 -1.06
C GLU A 269 -29.79 -21.04 -0.95
N PHE A 270 -28.48 -21.07 -0.77
CA PHE A 270 -27.71 -19.87 -0.55
C PHE A 270 -27.84 -18.82 -1.67
N LEU A 271 -27.89 -19.26 -2.92
CA LEU A 271 -27.79 -18.33 -4.03
C LEU A 271 -29.13 -17.76 -4.38
N ASN A 272 -30.21 -18.50 -4.18
CA ASN A 272 -31.54 -17.90 -4.23
C ASN A 272 -31.80 -16.90 -3.11
N LEU A 273 -31.30 -17.19 -1.93
CA LEU A 273 -31.42 -16.25 -0.83
C LEU A 273 -30.77 -14.93 -1.22
N PHE A 274 -29.55 -14.98 -1.75
CA PHE A 274 -28.84 -13.78 -2.13
C PHE A 274 -29.30 -13.10 -3.43
N ASN A 275 -29.49 -13.88 -4.49
CA ASN A 275 -29.72 -13.29 -5.80
C ASN A 275 -31.17 -13.10 -6.13
N ASN A 276 -32.01 -13.86 -5.45
CA ASN A 276 -33.40 -13.91 -5.82
C ASN A 276 -34.25 -13.23 -4.75
N TYR A 277 -33.98 -13.57 -3.49
CA TYR A 277 -34.73 -12.98 -2.39
C TYR A 277 -34.08 -11.73 -1.84
N LYS A 278 -32.90 -11.39 -2.36
CA LYS A 278 -32.17 -10.16 -2.00
C LYS A 278 -31.85 -10.02 -0.51
N CYS A 279 -31.35 -11.10 0.08
CA CYS A 279 -30.90 -11.11 1.47
C CYS A 279 -29.74 -10.16 1.70
N GLU A 280 -29.61 -9.67 2.94
CA GLU A 280 -28.36 -9.05 3.37
C GLU A 280 -27.45 -10.18 3.86
N LEU A 281 -26.22 -10.19 3.33
CA LEU A 281 -25.25 -11.20 3.65
C LEU A 281 -24.19 -10.67 4.60
N TYR A 282 -24.10 -11.30 5.77
CA TYR A 282 -23.08 -11.00 6.77
C TYR A 282 -22.05 -12.13 6.89
N ILE A 283 -20.78 -11.73 6.91
CA ILE A 283 -19.66 -12.65 7.07
C ILE A 283 -18.83 -12.21 8.28
N CYS A 284 -18.61 -13.13 9.21
CA CYS A 284 -17.84 -12.78 10.40
C CYS A 284 -16.97 -13.94 10.89
N GLY A 285 -15.70 -13.66 11.16
CA GLY A 285 -14.80 -14.68 11.67
C GLY A 285 -13.43 -14.54 11.03
N HIS A 286 -12.72 -15.65 10.91
CA HIS A 286 -11.37 -15.63 10.35
C HIS A 286 -11.36 -15.07 8.94
N LYS A 287 -10.31 -14.34 8.60
CA LYS A 287 -10.21 -13.63 7.31
C LYS A 287 -10.33 -14.48 6.04
N SER A 288 -10.09 -15.78 6.18
CA SER A 288 -10.15 -16.71 5.05
C SER A 288 -11.53 -16.99 4.47
N ILE A 289 -12.61 -16.87 5.25
CA ILE A 289 -13.97 -17.03 4.68
C ILE A 289 -14.34 -15.98 3.68
N ARG A 290 -13.79 -14.78 3.81
CA ARG A 290 -14.34 -13.65 3.07
C ARG A 290 -14.24 -13.94 1.60
N TYR A 291 -13.03 -14.26 1.13
CA TYR A 291 -12.83 -14.42 -0.30
C TYR A 291 -13.45 -15.73 -0.78
N LYS A 292 -13.59 -16.69 0.12
CA LYS A 292 -14.22 -17.95 -0.20
C LYS A 292 -15.73 -17.82 -0.44
N VAL A 293 -16.38 -16.92 0.29
CA VAL A 293 -17.78 -16.61 0.06
C VAL A 293 -17.95 -15.76 -1.22
N MET A 294 -17.03 -14.81 -1.43
CA MET A 294 -17.08 -13.98 -2.64
C MET A 294 -16.87 -14.81 -3.89
N ASP A 295 -15.99 -15.81 -3.82
CA ASP A 295 -15.74 -16.73 -4.94
C ASP A 295 -16.99 -17.49 -5.38
N ILE A 296 -17.77 -17.95 -4.41
CA ILE A 296 -19.04 -18.61 -4.66
C ILE A 296 -20.03 -17.71 -5.42
N LEU A 297 -20.11 -16.46 -5.00
CA LEU A 297 -20.99 -15.48 -5.62
C LEU A 297 -20.51 -15.13 -7.02
N LYS A 298 -19.21 -14.92 -7.15
CA LYS A 298 -18.57 -14.56 -8.42
C LYS A 298 -18.59 -15.67 -9.46
N SER A 299 -18.44 -16.92 -9.03
CA SER A 299 -18.36 -18.04 -9.97
C SER A 299 -19.71 -18.59 -10.43
N HIS A 300 -20.79 -18.24 -9.74
CA HIS A 300 -22.07 -18.89 -10.02
C HIS A 300 -23.19 -18.07 -10.64
N ASP A 301 -23.13 -16.75 -10.48
CA ASP A 301 -24.11 -15.87 -11.10
C ASP A 301 -23.53 -14.48 -11.36
N GLN A 302 -24.32 -13.61 -11.97
CA GLN A 302 -23.92 -12.22 -12.13
C GLN A 302 -23.67 -11.58 -10.76
N PHE A 303 -22.57 -10.85 -10.65
CA PHE A 303 -22.21 -10.24 -9.39
C PHE A 303 -21.58 -8.87 -9.65
N ASP A 304 -22.28 -7.82 -9.27
CA ASP A 304 -21.85 -6.43 -9.52
C ASP A 304 -21.74 -5.66 -8.21
N GLU A 305 -21.35 -4.38 -8.31
CA GLU A 305 -21.17 -3.50 -7.14
C GLU A 305 -22.46 -3.20 -6.37
N LYS A 306 -23.60 -3.31 -7.05
CA LYS A 306 -24.90 -3.14 -6.44
C LYS A 306 -25.23 -4.32 -5.51
N LYS A 307 -24.75 -5.52 -5.86
CA LYS A 307 -24.92 -6.70 -5.01
C LYS A 307 -23.94 -6.68 -3.84
N LYS A 308 -22.74 -6.13 -4.09
CA LYS A 308 -21.74 -5.91 -3.06
C LYS A 308 -22.21 -5.02 -1.92
N LYS A 309 -23.16 -4.13 -2.18
CA LYS A 309 -23.74 -3.30 -1.12
C LYS A 309 -24.49 -4.12 -0.09
N ARG A 310 -24.86 -5.36 -0.47
CA ARG A 310 -25.60 -6.26 0.43
C ARG A 310 -24.69 -7.25 1.16
N VAL A 311 -23.37 -7.10 1.00
CA VAL A 311 -22.39 -7.95 1.64
C VAL A 311 -21.68 -7.17 2.76
N HIS A 312 -21.85 -7.60 4.01
CA HIS A 312 -21.24 -6.94 5.17
C HIS A 312 -20.22 -7.87 5.79
N VAL A 313 -19.03 -7.35 6.08
CA VAL A 313 -17.90 -8.18 6.48
C VAL A 313 -17.23 -7.69 7.76
N GLU A 314 -17.06 -8.59 8.73
CA GLU A 314 -16.27 -8.33 9.92
C GLU A 314 -15.34 -9.51 10.09
N VAL A 315 -14.11 -9.40 9.61
CA VAL A 315 -13.18 -10.52 9.69
C VAL A 315 -11.89 -10.20 10.45
N TYR A 316 -11.19 -11.24 10.90
CA TYR A 316 -10.01 -11.10 11.75
C TYR A 316 -9.12 -12.34 11.87
N ASN B 5 21.73 -13.92 23.14
CA ASN B 5 21.50 -12.45 22.99
C ASN B 5 20.44 -11.92 23.95
N PHE B 6 20.31 -10.60 24.02
CA PHE B 6 19.40 -9.95 24.96
C PHE B 6 18.04 -9.62 24.36
N ILE B 7 17.84 -9.90 23.08
CA ILE B 7 16.59 -9.56 22.40
C ILE B 7 15.40 -10.42 22.85
N ASN B 8 14.31 -9.72 23.17
CA ASN B 8 13.07 -10.31 23.63
C ASN B 8 13.20 -11.21 24.86
N LEU B 9 14.10 -10.84 25.76
CA LEU B 9 14.21 -11.55 27.03
C LEU B 9 12.91 -11.34 27.82
N TYR B 10 12.40 -10.11 27.76
CA TYR B 10 11.11 -9.77 28.33
C TYR B 10 10.18 -9.32 27.23
N THR B 11 8.93 -9.76 27.30
CA THR B 11 7.94 -9.43 26.29
C THR B 11 6.73 -8.88 27.03
N VAL B 12 5.67 -8.56 26.29
CA VAL B 12 4.42 -8.11 26.90
C VAL B 12 3.76 -9.27 27.66
N LYS B 13 4.09 -10.50 27.24
CA LYS B 13 3.61 -11.71 27.91
C LYS B 13 4.27 -11.84 29.28
N ASN B 14 5.55 -11.49 29.36
CA ASN B 14 6.27 -11.46 30.64
C ASN B 14 7.15 -10.21 30.79
N PRO B 15 6.54 -9.08 31.15
CA PRO B 15 7.31 -7.85 31.29
C PRO B 15 8.13 -7.80 32.58
N LEU B 16 9.18 -6.99 32.61
CA LEU B 16 9.98 -6.85 33.82
C LEU B 16 9.48 -5.68 34.63
N LYS B 17 9.09 -5.94 35.87
CA LYS B 17 8.63 -4.90 36.78
C LYS B 17 9.87 -4.14 37.28
N CYS B 18 9.80 -2.82 37.20
CA CYS B 18 10.94 -1.95 37.44
C CYS B 18 10.45 -0.73 38.22
N LYS B 19 11.36 0.06 38.78
CA LYS B 19 10.96 1.24 39.54
C LYS B 19 11.57 2.55 39.00
N ILE B 20 10.80 3.64 39.07
CA ILE B 20 11.30 4.97 38.72
C ILE B 20 12.15 5.48 39.87
N VAL B 21 13.42 5.77 39.57
CA VAL B 21 14.34 6.34 40.52
C VAL B 21 14.38 7.86 40.40
N ASP B 22 14.33 8.36 39.18
CA ASP B 22 14.28 9.81 38.96
C ASP B 22 13.55 10.14 37.67
N LYS B 23 13.07 11.37 37.60
CA LYS B 23 12.34 11.85 36.44
C LYS B 23 12.70 13.32 36.30
N ILE B 24 13.45 13.63 35.26
CA ILE B 24 14.03 14.96 35.07
C ILE B 24 13.64 15.52 33.71
N ASN B 25 13.10 16.74 33.73
CA ASN B 25 12.84 17.49 32.51
C ASN B 25 14.18 17.81 31.84
N LEU B 26 14.33 17.30 30.62
CA LEU B 26 15.51 17.49 29.80
C LEU B 26 15.55 18.78 29.01
N VAL B 27 14.46 19.53 28.97
CA VAL B 27 14.38 20.72 28.10
C VAL B 27 14.28 21.99 28.91
N ARG B 28 14.44 23.11 28.24
CA ARG B 28 14.52 24.43 28.86
C ARG B 28 13.26 25.25 28.49
N PRO B 29 13.03 26.40 29.13
CA PRO B 29 11.77 27.19 29.00
C PRO B 29 11.19 27.45 27.60
N ASN B 30 12.03 27.59 26.58
CA ASN B 30 11.52 27.86 25.23
C ASN B 30 11.18 26.64 24.39
N SER B 31 11.26 25.47 25.00
CA SER B 31 10.81 24.25 24.36
C SER B 31 9.31 24.07 24.67
N PRO B 32 8.50 23.84 23.61
CA PRO B 32 7.04 23.78 23.74
C PRO B 32 6.51 22.39 24.14
N ASN B 33 7.41 21.41 24.26
CA ASN B 33 7.08 20.07 24.74
C ASN B 33 7.91 19.71 25.93
N GLU B 34 7.32 18.95 26.84
CA GLU B 34 8.08 18.30 27.91
C GLU B 34 8.79 17.08 27.36
N VAL B 35 10.00 16.88 27.83
CA VAL B 35 10.76 15.69 27.55
C VAL B 35 11.33 15.27 28.88
N TYR B 36 11.02 14.04 29.26
CA TYR B 36 11.44 13.53 30.55
C TYR B 36 12.50 12.49 30.40
N HIS B 37 13.57 12.68 31.16
CA HIS B 37 14.60 11.70 31.34
C HIS B 37 14.19 10.81 32.51
N LEU B 38 14.14 9.50 32.27
CA LEU B 38 13.78 8.56 33.32
C LEU B 38 14.93 7.64 33.68
N GLU B 39 15.29 7.67 34.96
CA GLU B 39 16.23 6.70 35.53
C GLU B 39 15.39 5.57 36.12
N ILE B 40 15.63 4.37 35.61
CA ILE B 40 14.79 3.22 35.92
C ILE B 40 15.58 2.10 36.62
N ASN B 41 15.16 1.77 37.83
CA ASN B 41 15.72 0.65 38.57
C ASN B 41 15.15 -0.67 38.08
N HIS B 42 15.98 -1.47 37.44
CA HIS B 42 15.54 -2.77 36.95
C HIS B 42 16.16 -3.96 37.71
N ASN B 43 16.70 -3.69 38.90
CA ASN B 43 17.45 -4.67 39.72
C ASN B 43 18.57 -5.42 38.98
N GLY B 44 19.23 -4.75 38.04
CA GLY B 44 20.24 -5.38 37.19
C GLY B 44 19.70 -6.47 36.27
N LEU B 45 18.38 -6.63 36.23
CA LEU B 45 17.74 -7.73 35.50
C LEU B 45 17.49 -7.46 34.02
N PHE B 46 17.49 -6.19 33.62
CA PHE B 46 17.26 -5.83 32.22
C PHE B 46 18.58 -5.81 31.47
N LYS B 47 18.66 -6.61 30.41
CA LYS B 47 19.91 -6.81 29.68
C LYS B 47 19.83 -6.15 28.33
N TYR B 48 20.86 -5.39 27.98
CA TYR B 48 20.88 -4.65 26.73
C TYR B 48 22.29 -4.24 26.31
N LEU B 49 22.50 -4.06 25.01
CA LEU B 49 23.68 -3.35 24.48
C LEU B 49 23.31 -1.90 24.18
N GLU B 50 24.31 -1.03 24.18
CA GLU B 50 24.13 0.34 23.70
C GLU B 50 23.42 0.34 22.35
N GLY B 51 22.42 1.22 22.20
CA GLY B 51 21.65 1.31 20.95
C GLY B 51 20.31 0.58 20.96
N HIS B 52 20.14 -0.31 21.93
CA HIS B 52 18.91 -1.07 22.06
C HIS B 52 17.80 -0.18 22.59
N THR B 53 16.57 -0.62 22.35
CA THR B 53 15.40 0.05 22.88
C THR B 53 14.81 -0.83 23.96
N CYS B 54 14.06 -0.21 24.87
CA CYS B 54 13.17 -0.97 25.72
C CYS B 54 11.74 -0.58 25.37
N GLY B 55 10.80 -1.48 25.64
CA GLY B 55 9.40 -1.16 25.47
C GLY B 55 8.85 -0.77 26.82
N ILE B 56 8.01 0.27 26.87
CA ILE B 56 7.25 0.56 28.08
C ILE B 56 5.80 0.23 27.79
N ILE B 57 5.17 -0.52 28.72
CA ILE B 57 3.75 -0.85 28.61
C ILE B 57 2.93 0.11 29.45
N PRO B 58 2.34 1.13 28.81
CA PRO B 58 1.59 2.07 29.63
C PRO B 58 0.47 1.43 30.46
N TYR B 59 0.39 1.83 31.72
CA TYR B 59 -0.74 1.59 32.62
C TYR B 59 -0.88 0.13 33.06
N TYR B 60 0.12 -0.67 32.73
CA TYR B 60 0.19 -2.07 33.11
C TYR B 60 0.20 -2.21 34.62
N ASN B 61 -0.38 -3.31 35.08
CA ASN B 61 -0.40 -3.73 36.47
C ASN B 61 -0.46 -5.26 36.49
N GLU B 62 0.46 -5.88 37.22
CA GLU B 62 0.52 -7.34 37.40
C GLU B 62 -0.82 -7.97 37.74
N LEU B 63 -1.11 -9.10 37.07
CA LEU B 63 -2.28 -9.92 37.39
C LEU B 63 -1.77 -11.25 37.93
N ARG B 98 3.38 -4.15 19.56
CA ARG B 98 2.83 -2.89 19.09
C ARG B 98 2.15 -2.09 20.21
N CYS B 99 1.86 -2.75 21.35
CA CYS B 99 1.20 -2.07 22.49
C CYS B 99 2.18 -1.43 23.50
N ALA B 100 3.39 -1.96 23.58
CA ALA B 100 4.44 -1.27 24.28
C ALA B 100 5.02 -0.20 23.35
N ARG B 101 5.26 1.01 23.86
CA ARG B 101 6.02 2.02 23.12
C ARG B 101 7.51 1.78 23.31
N LEU B 102 8.27 1.85 22.22
CA LEU B 102 9.71 1.66 22.28
C LEU B 102 10.42 2.97 22.61
N TYR B 103 11.47 2.88 23.43
CA TYR B 103 12.26 4.06 23.81
C TYR B 103 13.73 3.67 23.81
N SER B 104 14.55 4.44 23.09
CA SER B 104 16.01 4.23 23.05
C SER B 104 16.60 4.38 24.45
N ILE B 105 17.39 3.40 24.86
CA ILE B 105 18.07 3.51 26.14
C ILE B 105 19.27 4.47 25.99
N SER B 106 19.35 5.47 26.87
CA SER B 106 20.41 6.48 26.76
C SER B 106 21.56 6.24 27.73
N SER B 107 21.51 5.13 28.45
CA SER B 107 22.56 4.79 29.41
C SER B 107 23.46 3.73 28.80
N SER B 108 24.63 3.53 29.40
CA SER B 108 25.46 2.42 28.96
C SER B 108 25.27 1.23 29.91
N ASN B 109 25.53 0.02 29.42
CA ASN B 109 25.68 -1.23 30.23
C ASN B 109 26.21 -1.14 31.65
N ASN B 110 27.29 -0.37 31.83
CA ASN B 110 28.01 -0.30 33.09
C ASN B 110 27.29 0.47 34.19
N MET B 111 26.22 1.19 33.82
CA MET B 111 25.44 1.97 34.78
C MET B 111 24.46 1.03 35.45
N GLU B 112 24.18 1.25 36.73
CA GLU B 112 23.29 0.35 37.50
C GLU B 112 21.80 0.45 37.11
N ASN B 113 21.30 1.68 37.07
CA ASN B 113 19.97 1.98 36.57
C ASN B 113 20.06 2.22 35.06
N LEU B 114 18.97 1.96 34.32
CA LEU B 114 18.88 2.36 32.93
C LEU B 114 18.19 3.73 32.76
N SER B 115 18.35 4.34 31.60
CA SER B 115 17.67 5.60 31.32
C SER B 115 17.14 5.71 29.93
N VAL B 116 16.29 6.70 29.74
CA VAL B 116 15.42 6.78 28.59
C VAL B 116 14.97 8.25 28.58
N ALA B 117 14.78 8.81 27.39
CA ALA B 117 14.27 10.18 27.25
C ALA B 117 12.96 10.11 26.47
N ILE B 118 11.91 10.67 27.05
CA ILE B 118 10.58 10.51 26.50
C ILE B 118 9.91 11.84 26.28
N LYS B 119 9.69 12.17 25.02
CA LYS B 119 8.90 13.34 24.65
C LYS B 119 7.42 13.11 24.99
N ILE B 120 6.80 14.13 25.60
CA ILE B 120 5.37 14.10 25.90
C ILE B 120 4.62 14.74 24.72
N HIS B 121 4.01 13.90 23.89
CA HIS B 121 3.25 14.35 22.71
C HIS B 121 1.89 14.90 23.11
N LYS B 122 1.59 16.10 22.60
CA LYS B 122 0.30 16.81 22.75
C LYS B 122 -0.40 16.86 21.38
N TYR B 123 -1.72 16.92 21.39
CA TYR B 123 -2.47 17.24 20.17
C TYR B 123 -3.74 17.97 20.54
N GLU B 124 -4.27 18.77 19.62
CA GLU B 124 -5.42 19.62 19.93
C GLU B 124 -6.70 19.09 19.30
N GLN B 125 -7.76 19.00 20.12
CA GLN B 125 -9.08 18.43 19.73
C GLN B 125 -9.02 16.94 19.37
N ILE B 132 -8.69 22.56 24.00
CA ILE B 132 -8.48 21.45 24.93
C ILE B 132 -7.39 20.52 24.37
N THR B 133 -6.34 20.29 25.15
CA THR B 133 -5.23 19.44 24.71
C THR B 133 -5.41 18.02 25.18
N ASN B 134 -4.97 17.10 24.35
CA ASN B 134 -4.91 15.72 24.74
C ASN B 134 -3.49 15.22 24.65
N TYR B 135 -3.20 14.13 25.34
CA TYR B 135 -1.90 13.50 25.30
C TYR B 135 -1.95 12.16 24.61
N GLY B 136 -0.83 11.79 23.97
CA GLY B 136 -0.63 10.45 23.47
C GLY B 136 -0.83 9.40 24.56
N TYR B 137 -1.09 8.18 24.16
CA TYR B 137 -1.34 7.11 25.11
C TYR B 137 -0.21 6.96 26.15
N CYS B 138 1.00 6.60 25.70
CA CYS B 138 2.13 6.46 26.62
C CYS B 138 2.55 7.82 27.20
N SER B 139 2.47 8.88 26.39
CA SER B 139 2.76 10.25 26.84
C SER B 139 1.99 10.67 28.07
N GLY B 140 0.67 10.43 28.07
CA GLY B 140 -0.16 10.75 29.22
C GLY B 140 0.25 9.92 30.43
N PHE B 141 0.59 8.65 30.21
CA PHE B 141 1.10 7.78 31.27
C PHE B 141 2.41 8.31 31.88
N ILE B 142 3.37 8.67 31.04
CA ILE B 142 4.69 9.10 31.50
C ILE B 142 4.62 10.45 32.22
N LYS B 143 3.72 11.31 31.74
CA LYS B 143 3.43 12.62 32.29
C LYS B 143 3.07 12.53 33.76
N ASN B 144 2.23 11.55 34.08
CA ASN B 144 1.65 11.43 35.41
C ASN B 144 2.49 10.57 36.36
N LEU B 145 3.43 9.79 35.81
CA LEU B 145 4.38 8.99 36.56
C LEU B 145 5.17 9.75 37.63
N LYS B 146 5.31 9.13 38.80
CA LYS B 146 6.02 9.71 39.91
C LYS B 146 7.23 8.86 40.21
N ILE B 147 8.17 9.45 40.96
CA ILE B 147 9.31 8.72 41.49
C ILE B 147 8.80 7.64 42.45
N ASN B 148 9.39 6.45 42.34
CA ASN B 148 8.98 5.25 43.09
C ASN B 148 7.78 4.48 42.53
N ASP B 149 7.16 4.97 41.46
CA ASP B 149 6.13 4.21 40.77
C ASP B 149 6.73 3.00 40.05
N ASP B 150 5.89 2.01 39.77
CA ASP B 150 6.30 0.86 38.98
C ASP B 150 6.15 1.15 37.50
N ILE B 151 6.99 0.50 36.72
CA ILE B 151 6.97 0.65 35.30
C ILE B 151 7.40 -0.71 34.76
N TYR B 152 6.72 -1.19 33.72
CA TYR B 152 6.97 -2.52 33.20
C TYR B 152 7.66 -2.43 31.85
N LEU B 153 8.81 -3.08 31.74
CA LEU B 153 9.62 -2.97 30.53
C LEU B 153 9.59 -4.24 29.73
N THR B 154 9.72 -4.10 28.40
CA THR B 154 9.98 -5.23 27.52
C THR B 154 11.39 -5.10 26.93
N GLY B 155 11.93 -6.25 26.48
CA GLY B 155 13.32 -6.63 26.80
C GLY B 155 14.36 -6.67 25.72
N ALA B 156 15.04 -5.54 25.55
CA ALA B 156 15.96 -5.27 24.43
C ALA B 156 15.33 -5.55 23.07
N HIS B 157 15.12 -4.48 22.31
CA HIS B 157 14.65 -4.60 20.94
C HIS B 157 15.64 -3.87 20.04
N GLY B 158 15.68 -4.29 18.78
CA GLY B 158 16.38 -3.55 17.74
C GLY B 158 17.80 -3.98 17.49
N TYR B 159 18.38 -3.40 16.44
CA TYR B 159 19.67 -3.81 15.90
C TYR B 159 20.55 -2.59 15.66
N PHE B 160 20.20 -1.49 16.35
CA PHE B 160 20.86 -0.21 16.18
C PHE B 160 22.05 -0.17 17.11
N ASN B 161 22.99 -1.06 16.89
CA ASN B 161 24.10 -1.22 17.80
C ASN B 161 25.40 -0.75 17.16
N LEU B 162 26.39 -0.47 18.00
CA LEU B 162 27.75 -0.20 17.51
C LEU B 162 28.36 -1.49 16.98
N PRO B 163 29.33 -1.39 16.05
CA PRO B 163 30.05 -2.63 15.74
C PRO B 163 30.92 -3.04 16.94
N ASN B 164 30.99 -4.32 17.25
CA ASN B 164 31.70 -4.76 18.47
C ASN B 164 33.24 -4.65 18.39
N ASP B 165 33.76 -4.40 17.19
CA ASP B 165 35.18 -4.11 16.99
C ASP B 165 35.53 -2.61 17.17
N ALA B 166 34.51 -1.79 17.42
CA ALA B 166 34.62 -0.32 17.35
C ALA B 166 35.75 0.35 18.14
N ILE B 167 36.02 -0.12 19.35
CA ILE B 167 37.02 0.53 20.21
C ILE B 167 38.45 0.11 19.84
N GLN B 168 38.64 -1.18 19.55
CA GLN B 168 39.95 -1.70 19.13
C GLN B 168 40.32 -1.26 17.72
N LYS B 169 39.30 -1.11 16.86
CA LYS B 169 39.50 -0.75 15.46
C LYS B 169 39.49 0.75 15.19
N ASN B 170 39.25 1.55 16.23
CA ASN B 170 39.15 3.03 16.15
C ASN B 170 38.21 3.53 15.05
N THR B 171 37.09 2.84 14.91
CA THR B 171 36.08 3.10 13.91
C THR B 171 35.58 4.55 13.96
N ASN B 172 35.37 5.13 12.79
CA ASN B 172 34.88 6.48 12.71
C ASN B 172 33.37 6.41 12.53
N PHE B 173 32.65 7.39 13.08
CA PHE B 173 31.20 7.40 13.02
C PHE B 173 30.63 8.71 12.53
N ILE B 174 29.53 8.61 11.78
CA ILE B 174 28.62 9.72 11.54
C ILE B 174 27.28 9.38 12.23
N PHE B 175 26.92 10.20 13.21
CA PHE B 175 25.65 10.12 13.94
C PHE B 175 24.71 11.25 13.51
N ILE B 176 23.57 10.89 12.92
CA ILE B 176 22.55 11.90 12.52
C ILE B 176 21.31 11.69 13.36
N ALA B 177 20.88 12.76 14.02
CA ALA B 177 19.74 12.71 14.93
C ALA B 177 18.78 13.88 14.72
N THR B 178 17.51 13.64 15.01
CA THR B 178 16.54 14.70 15.29
C THR B 178 15.83 14.37 16.61
N GLY B 179 15.45 15.39 17.37
CA GLY B 179 14.69 15.20 18.62
C GLY B 179 15.28 14.18 19.60
N THR B 180 14.46 13.20 19.96
CA THR B 180 14.84 12.15 20.88
C THR B 180 15.84 11.17 20.25
N GLY B 181 16.13 11.37 18.96
CA GLY B 181 17.06 10.51 18.22
C GLY B 181 18.48 10.53 18.73
N ILE B 182 18.78 11.50 19.58
CA ILE B 182 20.07 11.61 20.23
C ILE B 182 20.34 10.49 21.23
N SER B 183 19.29 9.95 21.86
CA SER B 183 19.48 8.99 23.00
C SER B 183 20.43 7.83 22.75
N PRO B 184 20.29 7.10 21.62
CA PRO B 184 21.21 6.00 21.45
C PRO B 184 22.65 6.49 21.34
N TYR B 185 22.86 7.68 20.79
CA TYR B 185 24.20 8.22 20.58
C TYR B 185 24.88 8.60 21.89
N ILE B 186 24.13 9.17 22.82
CA ILE B 186 24.57 9.36 24.22
C ILE B 186 25.08 8.02 24.80
N SER B 187 24.37 6.93 24.55
CA SER B 187 24.84 5.62 25.04
C SER B 187 26.12 5.16 24.31
N PHE B 188 26.16 5.32 22.99
CA PHE B 188 27.38 5.12 22.19
C PHE B 188 28.59 5.85 22.76
N LEU B 189 28.46 7.16 22.94
CA LEU B 189 29.53 8.00 23.47
C LEU B 189 30.01 7.57 24.85
N LYS B 190 29.07 7.20 25.71
CA LYS B 190 29.39 6.62 26.99
C LYS B 190 30.18 5.31 26.85
N LYS B 191 29.86 4.47 25.87
CA LYS B 191 30.61 3.23 25.68
C LYS B 191 32.01 3.45 25.08
N LEU B 192 32.07 4.22 23.99
CA LEU B 192 33.31 4.44 23.28
C LEU B 192 34.38 5.10 24.14
N PHE B 193 33.97 6.00 25.02
CA PHE B 193 34.91 6.73 25.87
C PHE B 193 35.04 6.16 27.30
N ALA B 194 34.62 4.90 27.49
CA ALA B 194 35.08 4.02 28.59
C ALA B 194 35.03 4.60 29.99
N SER B 205 40.06 5.30 28.81
CA SER B 205 39.78 5.50 27.40
C SER B 205 41.01 5.48 26.49
N ASN B 206 41.03 4.53 25.55
CA ASN B 206 41.82 4.65 24.31
C ASN B 206 41.06 4.16 23.06
N TYR B 207 40.03 4.92 22.75
CA TYR B 207 39.38 4.94 21.45
C TYR B 207 39.79 6.28 20.86
N THR B 208 40.31 6.25 19.64
CA THR B 208 40.79 7.48 19.00
C THR B 208 40.16 7.67 17.64
N GLY B 209 38.99 7.05 17.45
CA GLY B 209 38.20 7.28 16.26
C GLY B 209 37.68 8.70 16.23
N TYR B 210 37.02 9.06 15.12
N TYR B 210 37.05 9.05 15.11
CA TYR B 210 36.49 10.39 14.93
CA TYR B 210 36.47 10.34 14.87
C TYR B 210 34.97 10.36 14.67
C TYR B 210 34.94 10.19 14.80
N ILE B 211 34.23 11.04 15.54
CA ILE B 211 32.77 11.05 15.55
C ILE B 211 32.27 12.38 15.05
N THR B 212 31.38 12.34 14.06
CA THR B 212 30.64 13.53 13.64
C THR B 212 29.17 13.34 13.92
N ILE B 213 28.58 14.35 14.55
CA ILE B 213 27.20 14.35 14.96
C ILE B 213 26.47 15.49 14.30
N TYR B 214 25.37 15.15 13.61
CA TYR B 214 24.41 16.15 13.12
C TYR B 214 23.18 16.03 13.98
N TYR B 215 22.76 17.13 14.59
CA TYR B 215 21.62 17.07 15.50
C TYR B 215 20.66 18.22 15.25
N GLY B 216 19.47 17.87 14.75
CA GLY B 216 18.42 18.86 14.49
C GLY B 216 17.33 18.84 15.52
N VAL B 217 17.05 20.02 16.06
CA VAL B 217 16.03 20.16 17.08
C VAL B 217 15.29 21.45 16.75
N TYR B 218 14.23 21.73 17.48
CA TYR B 218 13.44 22.94 17.31
C TYR B 218 14.23 24.22 17.64
N ASN B 219 14.87 24.24 18.78
CA ASN B 219 15.69 25.37 19.22
C ASN B 219 16.74 24.92 20.27
N GLU B 220 17.49 25.85 20.82
CA GLU B 220 18.56 25.55 21.73
C GLU B 220 18.02 24.95 23.03
N ASP B 221 16.88 25.46 23.49
CA ASP B 221 16.20 24.95 24.68
C ASP B 221 15.61 23.55 24.51
N SER B 222 15.70 23.00 23.30
CA SER B 222 15.19 21.68 22.97
C SER B 222 16.29 20.67 22.72
N ILE B 223 17.56 21.09 22.77
CA ILE B 223 18.65 20.11 22.64
C ILE B 223 18.54 19.19 23.84
N LEU B 224 18.35 17.89 23.58
CA LEU B 224 18.26 16.89 24.65
C LEU B 224 19.64 16.38 25.07
N TYR B 225 19.85 16.20 26.37
CA TYR B 225 21.16 15.83 26.89
C TYR B 225 22.25 16.85 26.49
N LEU B 226 21.88 18.12 26.43
CA LEU B 226 22.82 19.20 26.12
C LEU B 226 24.12 19.10 26.97
N ASN B 227 23.95 18.85 28.26
CA ASN B 227 25.04 18.75 29.21
C ASN B 227 26.04 17.67 28.82
N GLU B 228 25.52 16.50 28.49
CA GLU B 228 26.33 15.35 28.07
C GLU B 228 27.06 15.61 26.76
N LEU B 229 26.37 16.26 25.81
CA LEU B 229 26.91 16.54 24.48
C LEU B 229 28.05 17.53 24.57
N GLU B 230 27.83 18.61 25.32
CA GLU B 230 28.84 19.62 25.61
C GLU B 230 30.05 19.05 26.36
N TYR B 231 29.78 18.19 27.35
CA TYR B 231 30.81 17.49 28.10
C TYR B 231 31.72 16.66 27.18
N PHE B 232 31.14 15.71 26.45
CA PHE B 232 31.91 14.91 25.49
C PHE B 232 32.63 15.73 24.43
N GLN B 233 31.96 16.74 23.88
CA GLN B 233 32.62 17.55 22.88
C GLN B 233 33.84 18.29 23.47
N LYS B 234 33.73 18.75 24.72
CA LYS B 234 34.82 19.46 25.37
C LYS B 234 35.94 18.55 25.88
N MET B 235 35.61 17.34 26.31
CA MET B 235 36.58 16.36 26.78
C MET B 235 37.39 15.72 25.67
N TYR B 236 36.77 15.55 24.50
CA TYR B 236 37.42 14.95 23.33
C TYR B 236 37.29 15.85 22.10
N PRO B 237 37.85 17.07 22.19
CA PRO B 237 37.58 18.08 21.15
C PRO B 237 38.19 17.75 19.79
N ASN B 238 39.17 16.86 19.76
CA ASN B 238 39.74 16.39 18.51
C ASN B 238 39.02 15.15 17.95
N ASN B 239 38.11 14.55 18.71
CA ASN B 239 37.49 13.29 18.28
C ASN B 239 35.98 13.32 18.13
N ILE B 240 35.37 14.42 18.56
CA ILE B 240 33.94 14.60 18.49
C ILE B 240 33.66 15.96 17.89
N ASN B 241 32.82 15.97 16.87
CA ASN B 241 32.44 17.20 16.22
C ASN B 241 30.89 17.22 16.07
N ILE B 242 30.25 18.20 16.71
CA ILE B 242 28.78 18.31 16.72
C ILE B 242 28.28 19.53 15.92
N HIS B 243 27.39 19.25 14.97
CA HIS B 243 26.73 20.29 14.20
C HIS B 243 25.28 20.30 14.64
N TYR B 244 24.84 21.39 15.27
CA TYR B 244 23.43 21.56 15.65
C TYR B 244 22.68 22.33 14.57
N VAL B 245 21.39 22.02 14.42
CA VAL B 245 20.51 22.80 13.54
C VAL B 245 19.22 23.06 14.30
N PHE B 246 18.83 24.33 14.36
CA PHE B 246 17.55 24.67 14.93
C PHE B 246 16.57 25.01 13.80
N SER B 247 15.39 24.40 13.82
CA SER B 247 14.39 24.66 12.78
C SER B 247 13.53 25.88 13.11
N TYR B 248 13.31 26.12 14.41
CA TYR B 248 12.41 27.17 14.92
C TYR B 248 10.95 27.05 14.47
N LYS B 249 10.59 25.83 14.06
CA LYS B 249 9.26 25.48 13.58
C LYS B 249 8.84 24.17 14.24
N GLN B 250 7.61 24.14 14.76
CA GLN B 250 7.07 22.92 15.37
C GLN B 250 6.47 22.00 14.32
N ASN B 251 7.36 21.53 13.46
CA ASN B 251 7.03 20.67 12.35
C ASN B 251 8.26 19.81 12.20
N SER B 252 8.08 18.51 12.40
CA SER B 252 9.17 17.54 12.38
C SER B 252 9.81 17.39 11.00
N ASP B 253 9.00 17.58 9.96
CA ASP B 253 9.46 17.51 8.58
C ASP B 253 10.39 18.65 8.22
N ALA B 254 10.05 19.86 8.71
CA ALA B 254 10.90 21.04 8.57
C ALA B 254 12.25 20.79 9.24
N THR B 255 12.21 20.24 10.46
CA THR B 255 13.45 19.99 11.20
C THR B 255 14.43 19.09 10.43
N SER B 256 13.93 18.00 9.84
CA SER B 256 14.77 17.14 9.00
C SER B 256 15.23 17.77 7.68
N PHE B 257 14.45 18.72 7.14
CA PHE B 257 14.87 19.47 5.97
C PHE B 257 16.09 20.32 6.29
N TYR B 258 16.09 20.97 7.44
CA TYR B 258 17.22 21.78 7.84
C TYR B 258 18.48 20.98 8.14
N VAL B 259 18.32 19.75 8.63
CA VAL B 259 19.47 18.85 8.84
C VAL B 259 20.07 18.45 7.50
N GLN B 260 19.21 18.07 6.56
CA GLN B 260 19.65 17.78 5.19
C GLN B 260 20.38 18.98 4.57
N ASP B 261 19.79 20.15 4.72
CA ASP B 261 20.38 21.41 4.29
C ASP B 261 21.79 21.64 4.88
N GLU B 262 22.00 21.31 6.16
CA GLU B 262 23.34 21.45 6.80
C GLU B 262 24.35 20.43 6.32
N ILE B 263 23.88 19.23 5.98
CA ILE B 263 24.71 18.24 5.34
C ILE B 263 25.06 18.68 3.90
N TYR B 264 24.08 19.19 3.15
CA TYR B 264 24.34 19.72 1.82
C TYR B 264 25.45 20.78 1.79
N LYS B 265 25.41 21.71 2.75
CA LYS B 265 26.43 22.76 2.91
C LYS B 265 27.83 22.17 2.99
N ARG B 266 27.91 20.96 3.54
CA ARG B 266 29.18 20.29 3.86
C ARG B 266 29.27 18.94 3.13
N LYS B 267 28.61 18.85 1.97
CA LYS B 267 28.46 17.60 1.22
C LYS B 267 29.79 16.91 0.98
N THR B 268 30.79 17.71 0.61
CA THR B 268 32.13 17.22 0.32
C THR B 268 32.79 16.63 1.57
N GLU B 269 32.77 17.35 2.68
CA GLU B 269 33.25 16.82 3.97
C GLU B 269 32.53 15.54 4.30
N PHE B 270 31.21 15.60 4.17
CA PHE B 270 30.32 14.51 4.57
C PHE B 270 30.61 13.22 3.81
N LEU B 271 30.64 13.33 2.48
CA LEU B 271 30.91 12.17 1.63
C LEU B 271 32.33 11.66 1.78
N ASN B 272 33.26 12.58 1.95
CA ASN B 272 34.66 12.22 2.14
C ASN B 272 34.94 11.55 3.50
N LEU B 273 34.12 11.87 4.50
CA LEU B 273 34.12 11.15 5.80
C LEU B 273 33.57 9.74 5.67
N PHE B 274 32.40 9.63 5.03
CA PHE B 274 31.74 8.33 4.87
C PHE B 274 32.57 7.42 3.97
N ASN B 275 33.03 7.96 2.84
CA ASN B 275 33.77 7.13 1.88
C ASN B 275 35.21 6.85 2.25
N ASN B 276 35.98 7.90 2.54
CA ASN B 276 37.41 7.73 2.73
C ASN B 276 37.81 7.30 4.13
N TYR B 277 37.11 7.80 5.14
CA TYR B 277 37.40 7.37 6.51
C TYR B 277 36.56 6.18 6.95
N LYS B 278 35.73 5.68 6.03
CA LYS B 278 34.93 4.45 6.24
C LYS B 278 34.06 4.51 7.51
N CYS B 279 33.28 5.58 7.60
CA CYS B 279 32.42 5.81 8.74
C CYS B 279 31.22 4.91 8.73
N GLU B 280 30.91 4.35 9.89
CA GLU B 280 29.58 3.79 10.10
C GLU B 280 28.59 4.96 10.21
N LEU B 281 27.56 4.95 9.39
CA LEU B 281 26.57 6.02 9.43
C LEU B 281 25.27 5.57 10.11
N TYR B 282 24.88 6.33 11.14
CA TYR B 282 23.67 6.07 11.90
C TYR B 282 22.72 7.23 11.68
N ILE B 283 21.45 6.90 11.50
CA ILE B 283 20.35 7.84 11.34
C ILE B 283 19.29 7.45 12.38
N CYS B 284 18.88 8.41 13.19
CA CYS B 284 17.88 8.14 14.22
C CYS B 284 16.97 9.34 14.46
N GLY B 285 15.67 9.05 14.60
CA GLY B 285 14.67 10.07 14.91
C GLY B 285 13.45 9.94 14.03
N HIS B 286 12.81 11.06 13.73
CA HIS B 286 11.61 11.11 12.88
C HIS B 286 11.87 10.45 11.52
N LYS B 287 10.87 9.75 11.00
CA LYS B 287 11.00 8.97 9.75
C LYS B 287 11.52 9.81 8.58
N SER B 288 11.21 11.11 8.58
CA SER B 288 11.51 11.98 7.45
C SER B 288 12.99 12.20 7.16
N ILE B 289 13.87 12.02 8.16
CA ILE B 289 15.32 12.22 7.93
C ILE B 289 15.89 11.13 7.05
N ARG B 290 15.30 9.95 7.12
CA ARG B 290 15.83 8.75 6.46
C ARG B 290 16.24 9.02 5.01
N TYR B 291 15.26 9.37 4.20
CA TYR B 291 15.51 9.46 2.77
C TYR B 291 16.24 10.73 2.37
N LYS B 292 16.02 11.79 3.15
CA LYS B 292 16.77 13.05 2.98
C LYS B 292 18.26 12.84 3.10
N VAL B 293 18.67 11.91 3.98
CA VAL B 293 20.08 11.55 4.12
C VAL B 293 20.47 10.57 3.02
N MET B 294 19.57 9.62 2.73
CA MET B 294 19.77 8.67 1.64
C MET B 294 19.93 9.38 0.30
N ASP B 295 19.12 10.40 0.06
CA ASP B 295 19.25 11.24 -1.14
C ASP B 295 20.64 11.86 -1.30
N ILE B 296 21.27 12.24 -0.19
CA ILE B 296 22.64 12.77 -0.21
C ILE B 296 23.69 11.68 -0.48
N LEU B 297 23.42 10.47 -0.03
CA LEU B 297 24.29 9.35 -0.34
C LEU B 297 24.09 8.83 -1.78
N LYS B 298 22.96 9.17 -2.39
CA LYS B 298 22.74 8.88 -3.81
C LYS B 298 23.52 9.85 -4.71
N SER B 299 23.31 11.15 -4.51
CA SER B 299 23.86 12.21 -5.39
C SER B 299 25.37 12.43 -5.24
N HIS B 300 26.03 12.62 -6.38
CA HIS B 300 27.50 12.77 -6.46
C HIS B 300 28.25 11.59 -5.83
N ASP B 301 27.63 10.42 -5.88
CA ASP B 301 28.16 9.19 -5.26
C ASP B 301 27.68 7.97 -6.05
N GLN B 302 28.54 6.96 -6.16
CA GLN B 302 28.21 5.72 -6.85
C GLN B 302 27.29 4.84 -6.00
N PHE B 303 27.58 4.81 -4.67
CA PHE B 303 26.81 4.08 -3.65
C PHE B 303 26.57 2.57 -3.98
N ASP B 304 27.58 1.72 -3.67
CA ASP B 304 27.55 0.24 -3.84
C ASP B 304 26.92 -0.39 -2.60
N GLU B 305 26.98 -1.71 -2.46
CA GLU B 305 26.32 -2.36 -1.31
C GLU B 305 27.27 -2.82 -0.18
N LYS B 306 28.56 -2.50 -0.32
CA LYS B 306 29.51 -2.62 0.78
C LYS B 306 29.44 -1.35 1.63
N LYS B 307 28.81 -0.31 1.05
CA LYS B 307 28.54 0.95 1.73
C LYS B 307 27.27 0.84 2.57
N LYS B 308 26.28 0.11 2.06
CA LYS B 308 25.00 -0.08 2.74
C LYS B 308 25.15 -0.92 4.01
N LYS B 309 26.22 -1.73 4.07
CA LYS B 309 26.60 -2.41 5.31
C LYS B 309 26.94 -1.39 6.40
N ARG B 310 27.33 -0.19 5.97
CA ARG B 310 27.79 0.87 6.87
C ARG B 310 26.70 1.91 7.22
N VAL B 311 25.47 1.66 6.76
CA VAL B 311 24.32 2.52 7.06
C VAL B 311 23.36 1.83 8.03
N HIS B 312 23.03 2.52 9.11
CA HIS B 312 22.17 1.98 10.15
C HIS B 312 21.06 2.99 10.38
N VAL B 313 19.82 2.51 10.39
CA VAL B 313 18.64 3.35 10.51
C VAL B 313 17.72 2.89 11.65
N GLU B 314 17.31 3.85 12.48
CA GLU B 314 16.32 3.64 13.52
C GLU B 314 15.42 4.86 13.53
N VAL B 315 14.39 4.86 12.67
CA VAL B 315 13.48 6.01 12.60
C VAL B 315 12.06 5.64 13.03
N TYR B 316 11.25 6.64 13.37
CA TYR B 316 9.92 6.42 13.96
C TYR B 316 8.93 7.59 13.86
N ASN C 5 21.81 -14.27 -17.98
CA ASN C 5 20.33 -14.08 -17.99
C ASN C 5 19.85 -13.00 -18.97
N PHE C 6 18.66 -13.23 -19.52
CA PHE C 6 18.16 -12.45 -20.65
C PHE C 6 17.09 -11.44 -20.26
N ILE C 7 16.88 -11.26 -18.97
CA ILE C 7 15.90 -10.29 -18.48
C ILE C 7 16.26 -8.85 -18.88
N ASN C 8 15.26 -8.15 -19.42
CA ASN C 8 15.39 -6.74 -19.78
C ASN C 8 16.57 -6.38 -20.70
N LEU C 9 16.97 -7.31 -21.56
CA LEU C 9 17.92 -7.00 -22.62
C LEU C 9 17.40 -5.89 -23.54
N TYR C 10 16.10 -5.95 -23.83
CA TYR C 10 15.42 -4.91 -24.58
C TYR C 10 14.28 -4.32 -23.72
N THR C 11 14.24 -3.00 -23.62
CA THR C 11 13.24 -2.29 -22.81
C THR C 11 12.38 -1.41 -23.70
N VAL C 12 11.37 -0.73 -23.14
CA VAL C 12 10.56 0.21 -23.93
C VAL C 12 11.45 1.33 -24.48
N LYS C 13 12.54 1.60 -23.76
CA LYS C 13 13.54 2.57 -24.15
C LYS C 13 14.40 2.10 -25.32
N ASN C 14 14.59 0.78 -25.42
CA ASN C 14 15.35 0.22 -26.56
C ASN C 14 14.76 -1.10 -27.13
N PRO C 15 13.58 -1.02 -27.77
CA PRO C 15 12.90 -2.24 -28.21
C PRO C 15 13.57 -2.92 -29.39
N LEU C 16 13.25 -4.20 -29.58
CA LEU C 16 13.74 -4.96 -30.73
C LEU C 16 12.73 -4.95 -31.85
N LYS C 17 13.17 -4.45 -33.01
CA LYS C 17 12.37 -4.48 -34.23
C LYS C 17 12.38 -5.89 -34.80
N CYS C 18 11.18 -6.43 -34.98
CA CYS C 18 11.01 -7.79 -35.48
C CYS C 18 9.97 -7.78 -36.56
N LYS C 19 9.80 -8.91 -37.22
CA LYS C 19 8.83 -9.02 -38.31
C LYS C 19 7.84 -10.16 -38.07
N ILE C 20 6.56 -9.88 -38.32
CA ILE C 20 5.54 -10.92 -38.33
C ILE C 20 5.82 -11.85 -39.50
N VAL C 21 6.03 -13.13 -39.17
CA VAL C 21 6.25 -14.18 -40.17
C VAL C 21 4.94 -14.88 -40.54
N ASP C 22 4.16 -15.26 -39.53
CA ASP C 22 2.84 -15.83 -39.75
C ASP C 22 1.85 -15.28 -38.71
N LYS C 23 0.58 -15.29 -39.08
CA LYS C 23 -0.51 -14.94 -38.17
C LYS C 23 -1.66 -15.94 -38.39
N ILE C 24 -1.95 -16.74 -37.37
CA ILE C 24 -2.92 -17.84 -37.45
C ILE C 24 -3.96 -17.74 -36.35
N ASN C 25 -5.22 -17.93 -36.70
CA ASN C 25 -6.27 -18.07 -35.70
C ASN C 25 -6.14 -19.39 -34.93
N LEU C 26 -6.06 -19.30 -33.60
CA LEU C 26 -5.82 -20.48 -32.75
C LEU C 26 -7.07 -21.22 -32.31
N VAL C 27 -8.23 -20.60 -32.51
CA VAL C 27 -9.49 -21.19 -32.09
C VAL C 27 -10.27 -21.72 -33.29
N ARG C 28 -11.22 -22.61 -33.04
CA ARG C 28 -12.15 -23.11 -34.06
C ARG C 28 -13.42 -22.21 -34.10
N PRO C 29 -14.33 -22.43 -35.08
CA PRO C 29 -15.44 -21.48 -35.27
C PRO C 29 -16.50 -21.35 -34.14
N ASN C 30 -16.73 -22.41 -33.37
CA ASN C 30 -17.68 -22.32 -32.25
C ASN C 30 -17.10 -21.77 -30.93
N SER C 31 -15.97 -21.09 -31.02
CA SER C 31 -15.41 -20.41 -29.87
C SER C 31 -15.94 -18.99 -29.86
N PRO C 32 -16.32 -18.49 -28.67
CA PRO C 32 -16.75 -17.09 -28.58
C PRO C 32 -15.56 -16.14 -28.61
N ASN C 33 -14.36 -16.71 -28.58
CA ASN C 33 -13.10 -15.95 -28.45
C ASN C 33 -12.41 -15.72 -29.79
N GLU C 34 -11.56 -14.70 -29.84
CA GLU C 34 -10.72 -14.46 -31.00
C GLU C 34 -9.27 -14.39 -30.53
N VAL C 35 -8.44 -15.27 -31.07
CA VAL C 35 -7.09 -15.48 -30.57
C VAL C 35 -6.18 -15.70 -31.75
N TYR C 36 -5.06 -14.99 -31.77
CA TYR C 36 -4.09 -15.14 -32.85
C TYR C 36 -2.76 -15.65 -32.37
N HIS C 37 -2.24 -16.61 -33.13
CA HIS C 37 -0.90 -17.11 -32.97
C HIS C 37 -0.04 -16.30 -33.90
N LEU C 38 1.03 -15.74 -33.37
CA LEU C 38 1.95 -14.97 -34.20
C LEU C 38 3.30 -15.65 -34.21
N GLU C 39 3.86 -15.84 -35.40
CA GLU C 39 5.23 -16.29 -35.53
C GLU C 39 6.07 -15.06 -35.83
N ILE C 40 7.17 -14.91 -35.09
CA ILE C 40 7.94 -13.67 -35.09
C ILE C 40 9.43 -13.91 -35.40
N ASN C 41 9.90 -13.24 -36.46
CA ASN C 41 11.30 -13.26 -36.86
C ASN C 41 12.06 -12.17 -36.12
N HIS C 42 12.93 -12.58 -35.20
CA HIS C 42 13.70 -11.64 -34.38
C HIS C 42 15.18 -11.66 -34.73
N ASN C 43 15.48 -12.20 -35.91
CA ASN C 43 16.85 -12.41 -36.40
C ASN C 43 17.78 -13.07 -35.38
N GLY C 44 17.22 -13.98 -34.58
CA GLY C 44 17.95 -14.69 -33.53
C GLY C 44 18.43 -13.81 -32.38
N LEU C 45 17.99 -12.56 -32.37
CA LEU C 45 18.46 -11.57 -31.40
C LEU C 45 17.69 -11.55 -30.08
N PHE C 46 16.44 -12.02 -30.07
CA PHE C 46 15.65 -12.05 -28.83
C PHE C 46 16.01 -13.27 -28.01
N LYS C 47 16.47 -13.03 -26.80
CA LYS C 47 16.99 -14.09 -25.96
C LYS C 47 15.99 -14.38 -24.86
N TYR C 48 15.70 -15.66 -24.64
CA TYR C 48 14.69 -16.07 -23.68
C TYR C 48 14.83 -17.50 -23.23
N LEU C 49 14.29 -17.78 -22.06
CA LEU C 49 14.07 -19.15 -21.61
C LEU C 49 12.59 -19.46 -21.79
N GLU C 50 12.26 -20.74 -21.84
CA GLU C 50 10.87 -21.18 -21.87
C GLU C 50 10.19 -20.68 -20.61
N GLY C 51 8.98 -20.16 -20.76
CA GLY C 51 8.25 -19.58 -19.64
C GLY C 51 8.36 -18.06 -19.56
N HIS C 52 9.33 -17.50 -20.28
CA HIS C 52 9.48 -16.05 -20.34
C HIS C 52 8.37 -15.39 -21.13
N THR C 53 8.02 -14.18 -20.74
CA THR C 53 7.13 -13.38 -21.57
C THR C 53 7.98 -12.43 -22.41
N CYS C 54 7.41 -11.96 -23.51
CA CYS C 54 7.94 -10.77 -24.17
C CYS C 54 6.90 -9.66 -24.05
N GLY C 55 7.31 -8.44 -24.30
CA GLY C 55 6.39 -7.33 -24.33
C GLY C 55 6.24 -6.87 -25.75
N ILE C 56 5.01 -6.53 -26.12
CA ILE C 56 4.73 -5.89 -27.40
C ILE C 56 4.31 -4.44 -27.15
N ILE C 57 4.97 -3.50 -27.82
CA ILE C 57 4.60 -2.08 -27.73
C ILE C 57 3.75 -1.73 -28.94
N PRO C 58 2.42 -1.60 -28.75
CA PRO C 58 1.56 -1.39 -29.91
C PRO C 58 1.94 -0.13 -30.69
N TYR C 59 1.83 -0.22 -32.01
CA TYR C 59 2.03 0.89 -32.96
C TYR C 59 3.37 1.65 -32.90
N TYR C 60 4.38 1.06 -32.28
CA TYR C 60 5.71 1.67 -32.22
C TYR C 60 6.34 1.89 -33.61
N ASN C 61 7.10 2.98 -33.74
CA ASN C 61 7.74 3.45 -34.99
C ASN C 61 6.94 3.31 -36.29
N ARG C 98 3.56 -1.30 -17.22
CA ARG C 98 4.23 -0.41 -18.17
C ARG C 98 3.49 -0.34 -19.53
N CYS C 99 4.22 0.02 -20.58
CA CYS C 99 3.62 0.23 -21.91
C CYS C 99 3.40 -1.08 -22.67
N ALA C 100 4.48 -1.80 -22.95
CA ALA C 100 4.41 -3.11 -23.57
C ALA C 100 3.39 -4.02 -22.87
N ARG C 101 2.45 -4.61 -23.62
CA ARG C 101 1.66 -5.72 -23.08
C ARG C 101 2.51 -6.99 -23.16
N LEU C 102 2.46 -7.79 -22.09
CA LEU C 102 3.27 -9.01 -21.98
C LEU C 102 2.51 -10.19 -22.57
N TYR C 103 3.23 -11.03 -23.29
CA TYR C 103 2.67 -12.25 -23.85
C TYR C 103 3.64 -13.41 -23.64
N SER C 104 3.11 -14.51 -23.13
CA SER C 104 3.95 -15.68 -22.92
C SER C 104 4.45 -16.21 -24.25
N ILE C 105 5.76 -16.36 -24.36
CA ILE C 105 6.36 -17.01 -25.53
C ILE C 105 5.96 -18.51 -25.54
N SER C 106 5.34 -18.95 -26.64
CA SER C 106 4.86 -20.33 -26.74
C SER C 106 5.84 -21.23 -27.56
N SER C 107 7.02 -20.71 -27.86
CA SER C 107 8.02 -21.48 -28.58
C SER C 107 9.22 -21.75 -27.68
N SER C 108 10.04 -22.74 -28.07
CA SER C 108 11.31 -23.00 -27.38
C SER C 108 12.48 -22.27 -28.04
N ASN C 109 13.49 -21.93 -27.23
CA ASN C 109 14.77 -21.31 -27.65
C ASN C 109 15.32 -21.74 -28.99
N ASN C 110 15.30 -23.06 -29.23
CA ASN C 110 15.97 -23.67 -30.38
C ASN C 110 15.30 -23.42 -31.73
N MET C 111 14.08 -22.87 -31.69
CA MET C 111 13.37 -22.48 -32.89
C MET C 111 13.94 -21.15 -33.37
N GLU C 112 13.99 -20.97 -34.70
CA GLU C 112 14.50 -19.72 -35.29
C GLU C 112 13.58 -18.55 -34.93
N ASN C 113 12.28 -18.81 -34.97
CA ASN C 113 11.27 -17.81 -34.67
C ASN C 113 10.63 -18.02 -33.32
N LEU C 114 10.20 -16.93 -32.70
CA LEU C 114 9.45 -17.03 -31.47
C LEU C 114 7.97 -16.88 -31.80
N SER C 115 7.12 -17.38 -30.92
CA SER C 115 5.70 -17.30 -31.16
C SER C 115 4.95 -16.92 -29.90
N VAL C 116 3.80 -16.29 -30.07
CA VAL C 116 2.95 -15.90 -28.95
C VAL C 116 1.52 -16.17 -29.36
N ALA C 117 0.65 -16.30 -28.36
CA ALA C 117 -0.78 -16.39 -28.59
C ALA C 117 -1.44 -15.19 -27.92
N ILE C 118 -2.23 -14.45 -28.70
CA ILE C 118 -2.85 -13.20 -28.26
C ILE C 118 -4.37 -13.22 -28.41
N LYS C 119 -5.07 -13.24 -27.29
CA LYS C 119 -6.52 -13.08 -27.25
C LYS C 119 -6.86 -11.65 -27.66
N ILE C 120 -7.82 -11.51 -28.56
CA ILE C 120 -8.33 -10.21 -28.96
C ILE C 120 -9.45 -9.82 -28.00
N HIS C 121 -9.17 -8.86 -27.13
CA HIS C 121 -10.18 -8.33 -26.22
C HIS C 121 -11.10 -7.31 -26.91
N LYS C 122 -12.41 -7.47 -26.67
CA LYS C 122 -13.44 -6.60 -27.20
C LYS C 122 -14.36 -6.15 -26.08
N TYR C 123 -15.04 -5.01 -26.29
CA TYR C 123 -16.11 -4.56 -25.40
C TYR C 123 -17.18 -3.74 -26.17
N GLU C 124 -18.24 -3.32 -25.47
CA GLU C 124 -19.27 -2.47 -26.07
C GLU C 124 -19.52 -1.18 -25.29
N THR C 133 -16.38 -3.61 -33.01
CA THR C 133 -16.21 -2.23 -32.58
C THR C 133 -15.70 -2.19 -31.14
N ASN C 134 -14.63 -1.42 -30.92
CA ASN C 134 -13.96 -1.26 -29.61
C ASN C 134 -13.16 -2.45 -29.07
N TYR C 135 -11.88 -2.41 -29.40
CA TYR C 135 -10.90 -3.36 -28.95
C TYR C 135 -10.03 -2.75 -27.84
N GLY C 136 -9.34 -3.59 -27.08
CA GLY C 136 -8.31 -3.15 -26.15
C GLY C 136 -7.17 -2.59 -26.97
N TYR C 137 -6.28 -1.82 -26.34
CA TYR C 137 -5.20 -1.13 -27.06
C TYR C 137 -4.31 -2.04 -27.90
N CYS C 138 -3.70 -3.06 -27.28
CA CYS C 138 -2.90 -4.03 -28.03
C CYS C 138 -3.77 -4.95 -28.90
N SER C 139 -4.97 -5.27 -28.43
CA SER C 139 -5.85 -6.18 -29.16
C SER C 139 -6.19 -5.65 -30.54
N GLY C 140 -6.52 -4.35 -30.63
CA GLY C 140 -6.80 -3.69 -31.90
C GLY C 140 -5.57 -3.64 -32.78
N PHE C 141 -4.41 -3.45 -32.16
CA PHE C 141 -3.15 -3.46 -32.89
C PHE C 141 -2.87 -4.80 -33.55
N ILE C 142 -3.09 -5.88 -32.80
CA ILE C 142 -2.80 -7.24 -33.26
C ILE C 142 -3.83 -7.63 -34.33
N LYS C 143 -5.08 -7.24 -34.10
CA LYS C 143 -6.18 -7.51 -35.04
C LYS C 143 -5.86 -7.04 -36.47
N ASN C 144 -5.28 -5.84 -36.59
CA ASN C 144 -4.99 -5.24 -37.89
C ASN C 144 -3.57 -5.50 -38.41
N LEU C 145 -2.73 -6.15 -37.59
CA LEU C 145 -1.39 -6.60 -38.01
C LEU C 145 -1.46 -7.61 -39.15
N LYS C 146 -0.46 -7.59 -40.03
CA LYS C 146 -0.44 -8.51 -41.15
C LYS C 146 0.95 -9.13 -41.34
N ILE C 147 0.99 -10.32 -41.94
CA ILE C 147 2.26 -10.97 -42.30
C ILE C 147 3.17 -9.92 -42.94
N ASN C 148 4.42 -9.89 -42.47
CA ASN C 148 5.47 -8.97 -42.96
C ASN C 148 5.49 -7.56 -42.37
N ASP C 149 4.50 -7.24 -41.52
CA ASP C 149 4.52 -6.00 -40.74
C ASP C 149 5.62 -6.06 -39.69
N ASP C 150 6.12 -4.90 -39.29
CA ASP C 150 7.09 -4.82 -38.22
C ASP C 150 6.41 -4.90 -36.86
N ILE C 151 7.15 -5.40 -35.88
CA ILE C 151 6.67 -5.50 -34.50
C ILE C 151 7.84 -5.25 -33.56
N TYR C 152 7.56 -4.62 -32.43
CA TYR C 152 8.61 -4.20 -31.51
C TYR C 152 8.46 -4.89 -30.17
N LEU C 153 9.48 -5.65 -29.78
CA LEU C 153 9.38 -6.45 -28.55
C LEU C 153 10.30 -5.93 -27.46
N THR C 154 9.88 -6.10 -26.20
CA THR C 154 10.79 -5.83 -25.08
C THR C 154 11.37 -7.13 -24.50
N GLY C 155 12.70 -7.11 -24.31
CA GLY C 155 13.54 -8.24 -23.88
C GLY C 155 12.97 -8.96 -22.69
N ALA C 156 13.41 -10.20 -22.47
CA ALA C 156 12.63 -11.20 -21.72
C ALA C 156 12.22 -10.76 -20.32
N HIS C 157 11.02 -11.17 -19.91
CA HIS C 157 10.44 -10.78 -18.62
C HIS C 157 9.94 -11.99 -17.84
N GLY C 158 9.89 -11.86 -16.51
CA GLY C 158 9.26 -12.86 -15.66
C GLY C 158 10.18 -13.97 -15.18
N TYR C 159 9.64 -14.81 -14.29
CA TYR C 159 10.40 -15.86 -13.63
C TYR C 159 9.66 -17.20 -13.63
N PHE C 160 8.73 -17.33 -14.56
CA PHE C 160 7.92 -18.54 -14.71
C PHE C 160 8.69 -19.58 -15.54
N ASN C 161 9.83 -20.05 -15.03
CA ASN C 161 10.73 -20.88 -15.82
C ASN C 161 10.80 -22.33 -15.30
N LEU C 162 11.27 -23.25 -16.14
CA LEU C 162 11.60 -24.60 -15.65
C LEU C 162 12.84 -24.53 -14.75
N PRO C 163 12.92 -25.40 -13.74
CA PRO C 163 14.21 -25.56 -13.05
C PRO C 163 15.24 -26.07 -14.06
N ASN C 164 16.48 -25.59 -13.96
CA ASN C 164 17.51 -25.86 -14.98
C ASN C 164 17.98 -27.31 -15.08
N ASP C 165 17.60 -28.14 -14.12
CA ASP C 165 17.96 -29.54 -14.09
C ASP C 165 16.74 -30.44 -14.35
N ALA C 166 15.79 -29.94 -15.15
CA ALA C 166 14.51 -30.62 -15.32
C ALA C 166 14.60 -31.83 -16.23
N ILE C 167 15.29 -31.69 -17.36
CA ILE C 167 15.50 -32.79 -18.28
C ILE C 167 16.39 -33.85 -17.63
N GLN C 168 17.36 -33.39 -16.83
CA GLN C 168 18.33 -34.23 -16.13
C GLN C 168 17.72 -35.01 -14.96
N LYS C 169 17.02 -34.32 -14.06
CA LYS C 169 16.40 -34.97 -12.90
C LYS C 169 15.08 -35.68 -13.24
N ASN C 170 14.66 -35.57 -14.50
CA ASN C 170 13.32 -36.02 -14.94
C ASN C 170 12.21 -35.53 -14.04
N THR C 171 12.22 -34.22 -13.77
CA THR C 171 11.27 -33.61 -12.86
C THR C 171 9.84 -33.88 -13.28
N ASN C 172 8.98 -34.02 -12.27
CA ASN C 172 7.58 -34.18 -12.46
C ASN C 172 6.91 -32.82 -12.30
N PHE C 173 5.86 -32.60 -13.09
CA PHE C 173 5.21 -31.31 -13.21
C PHE C 173 3.72 -31.41 -13.08
N ILE C 174 3.13 -30.39 -12.46
CA ILE C 174 1.70 -30.14 -12.54
C ILE C 174 1.56 -28.77 -13.20
N PHE C 175 0.92 -28.75 -14.37
CA PHE C 175 0.63 -27.53 -15.10
C PHE C 175 -0.86 -27.20 -15.02
N ILE C 176 -1.17 -26.02 -14.49
CA ILE C 176 -2.55 -25.57 -14.41
C ILE C 176 -2.71 -24.29 -15.24
N ALA C 177 -3.66 -24.35 -16.17
CA ALA C 177 -3.89 -23.27 -17.13
C ALA C 177 -5.37 -22.94 -17.28
N THR C 178 -5.63 -21.66 -17.55
CA THR C 178 -6.92 -21.21 -18.09
C THR C 178 -6.61 -20.32 -19.29
N GLY C 179 -7.46 -20.38 -20.31
CA GLY C 179 -7.33 -19.55 -21.52
C GLY C 179 -5.95 -19.53 -22.16
N THR C 180 -5.36 -18.34 -22.29
CA THR C 180 -4.06 -18.18 -22.92
C THR C 180 -2.93 -18.63 -21.99
N GLY C 181 -3.30 -19.06 -20.79
CA GLY C 181 -2.36 -19.55 -19.80
C GLY C 181 -1.64 -20.83 -20.21
N ILE C 182 -2.15 -21.51 -21.24
CA ILE C 182 -1.48 -22.69 -21.76
C ILE C 182 -0.13 -22.38 -22.44
N SER C 183 0.05 -21.14 -22.90
CA SER C 183 1.22 -20.81 -23.74
C SER C 183 2.58 -21.16 -23.14
N PRO C 184 2.87 -20.73 -21.90
CA PRO C 184 4.19 -21.06 -21.36
C PRO C 184 4.42 -22.57 -21.33
N TYR C 185 3.35 -23.33 -21.08
CA TYR C 185 3.43 -24.79 -20.97
C TYR C 185 3.70 -25.46 -22.31
N ILE C 186 3.25 -24.85 -23.40
CA ILE C 186 3.62 -25.29 -24.74
C ILE C 186 5.11 -25.16 -24.97
N SER C 187 5.71 -24.04 -24.54
CA SER C 187 7.15 -23.89 -24.64
C SER C 187 7.91 -24.91 -23.78
N PHE C 188 7.41 -25.18 -22.58
CA PHE C 188 7.96 -26.19 -21.68
C PHE C 188 7.96 -27.56 -22.33
N LEU C 189 6.81 -27.95 -22.88
CA LEU C 189 6.64 -29.22 -23.57
C LEU C 189 7.58 -29.36 -24.74
N LYS C 190 7.70 -28.29 -25.51
CA LYS C 190 8.58 -28.27 -26.67
C LYS C 190 10.05 -28.49 -26.30
N LYS C 191 10.47 -27.98 -25.15
CA LYS C 191 11.86 -28.11 -24.70
C LYS C 191 12.10 -29.48 -24.09
N LEU C 192 11.21 -29.88 -23.20
CA LEU C 192 11.30 -31.15 -22.51
C LEU C 192 11.33 -32.35 -23.46
N PHE C 193 10.59 -32.27 -24.56
CA PHE C 193 10.53 -33.38 -25.50
C PHE C 193 11.31 -33.14 -26.80
N ALA C 194 12.07 -32.05 -26.83
CA ALA C 194 12.94 -31.72 -27.98
C ALA C 194 12.17 -31.67 -29.33
N TYR C 195 10.93 -31.22 -29.25
CA TYR C 195 10.01 -31.03 -30.39
C TYR C 195 10.70 -30.41 -31.61
N ASN C 204 15.31 -36.60 -30.58
CA ASN C 204 14.21 -36.99 -29.69
C ASN C 204 14.41 -36.62 -28.21
N SER C 205 13.49 -37.10 -27.38
CA SER C 205 13.41 -36.74 -25.97
C SER C 205 14.44 -37.46 -25.07
N ASN C 206 15.01 -36.71 -24.12
CA ASN C 206 15.81 -37.30 -23.05
C ASN C 206 15.07 -37.26 -21.70
N TYR C 207 13.85 -36.72 -21.74
CA TYR C 207 13.02 -36.53 -20.54
C TYR C 207 12.03 -37.68 -20.39
N THR C 208 11.91 -38.20 -19.17
CA THR C 208 11.02 -39.34 -18.90
C THR C 208 10.22 -39.13 -17.61
N GLY C 209 10.16 -37.88 -17.15
CA GLY C 209 9.30 -37.48 -16.03
C GLY C 209 7.83 -37.49 -16.41
N TYR C 210 6.98 -37.18 -15.45
CA TYR C 210 5.52 -37.21 -15.62
C TYR C 210 4.88 -35.81 -15.45
N ILE C 211 4.01 -35.44 -16.40
CA ILE C 211 3.36 -34.12 -16.44
C ILE C 211 1.86 -34.30 -16.42
N THR C 212 1.20 -33.67 -15.44
CA THR C 212 -0.25 -33.59 -15.35
C THR C 212 -0.70 -32.14 -15.66
N ILE C 213 -1.56 -32.00 -16.68
CA ILE C 213 -2.07 -30.70 -17.09
C ILE C 213 -3.57 -30.57 -16.85
N TYR C 214 -3.96 -29.49 -16.18
CA TYR C 214 -5.37 -29.06 -16.07
C TYR C 214 -5.55 -27.82 -16.90
N TYR C 215 -6.44 -27.88 -17.88
CA TYR C 215 -6.63 -26.76 -18.81
C TYR C 215 -8.11 -26.37 -18.93
N GLY C 216 -8.44 -25.22 -18.33
CA GLY C 216 -9.81 -24.69 -18.32
C GLY C 216 -10.08 -23.66 -19.41
N VAL C 217 -11.11 -23.91 -20.20
CA VAL C 217 -11.53 -23.00 -21.28
C VAL C 217 -13.05 -23.06 -21.41
N TYR C 218 -13.59 -22.22 -22.30
CA TYR C 218 -15.02 -22.15 -22.58
C TYR C 218 -15.57 -23.47 -23.11
N ASN C 219 -15.00 -23.92 -24.22
CA ASN C 219 -15.38 -25.17 -24.89
C ASN C 219 -14.20 -25.67 -25.71
N GLU C 220 -14.41 -26.76 -26.45
CA GLU C 220 -13.35 -27.46 -27.20
C GLU C 220 -12.74 -26.59 -28.27
N ASP C 221 -13.59 -25.82 -28.94
CA ASP C 221 -13.17 -24.87 -29.96
C ASP C 221 -12.29 -23.74 -29.45
N SER C 222 -12.25 -23.56 -28.12
CA SER C 222 -11.45 -22.53 -27.48
C SER C 222 -10.13 -23.08 -26.93
N ILE C 223 -9.92 -24.38 -27.01
CA ILE C 223 -8.62 -24.97 -26.64
C ILE C 223 -7.53 -24.39 -27.52
N LEU C 224 -6.59 -23.70 -26.89
CA LEU C 224 -5.47 -23.10 -27.59
C LEU C 224 -4.33 -24.10 -27.71
N TYR C 225 -3.68 -24.11 -28.87
CA TYR C 225 -2.62 -25.06 -29.19
C TYR C 225 -3.12 -26.51 -29.13
N LEU C 226 -4.38 -26.72 -29.49
CA LEU C 226 -4.98 -28.03 -29.43
C LEU C 226 -4.11 -29.11 -30.10
N ASN C 227 -3.61 -28.81 -31.31
CA ASN C 227 -2.84 -29.74 -32.11
C ASN C 227 -1.53 -30.13 -31.46
N GLU C 228 -0.88 -29.14 -30.85
CA GLU C 228 0.30 -29.37 -30.06
C GLU C 228 0.00 -30.23 -28.85
N LEU C 229 -1.04 -29.88 -28.11
CA LEU C 229 -1.40 -30.59 -26.90
C LEU C 229 -1.78 -32.03 -27.20
N GLU C 230 -2.48 -32.23 -28.33
CA GLU C 230 -2.87 -33.56 -28.78
C GLU C 230 -1.67 -34.39 -29.26
N TYR C 231 -0.76 -33.76 -29.99
CA TYR C 231 0.50 -34.37 -30.34
C TYR C 231 1.21 -34.90 -29.09
N PHE C 232 1.61 -33.98 -28.20
CA PHE C 232 2.31 -34.37 -26.98
C PHE C 232 1.63 -35.50 -26.21
N GLN C 233 0.32 -35.41 -26.07
CA GLN C 233 -0.44 -36.41 -25.31
C GLN C 233 -0.47 -37.77 -25.97
N LYS C 234 -0.61 -37.79 -27.28
CA LYS C 234 -0.71 -39.05 -28.00
C LYS C 234 0.67 -39.69 -28.16
N MET C 235 1.70 -38.86 -28.27
CA MET C 235 3.05 -39.32 -28.52
C MET C 235 3.74 -39.83 -27.26
N TYR C 236 3.46 -39.18 -26.12
CA TYR C 236 4.02 -39.57 -24.82
C TYR C 236 2.90 -39.86 -23.86
N PRO C 237 2.07 -40.89 -24.15
CA PRO C 237 0.90 -41.22 -23.32
C PRO C 237 1.22 -41.69 -21.92
N ASN C 238 2.46 -42.06 -21.67
CA ASN C 238 2.84 -42.50 -20.33
C ASN C 238 3.55 -41.43 -19.54
N ASN C 239 3.79 -40.29 -20.18
CA ASN C 239 4.42 -39.14 -19.53
C ASN C 239 3.49 -37.94 -19.35
N ILE C 240 2.40 -37.91 -20.09
CA ILE C 240 1.51 -36.76 -20.13
C ILE C 240 0.07 -37.16 -19.90
N ASN C 241 -0.55 -36.54 -18.91
CA ASN C 241 -2.00 -36.64 -18.70
C ASN C 241 -2.61 -35.23 -18.76
N ILE C 242 -3.57 -35.02 -19.67
CA ILE C 242 -4.23 -33.71 -19.86
C ILE C 242 -5.71 -33.80 -19.51
N HIS C 243 -6.13 -33.01 -18.52
CA HIS C 243 -7.55 -32.83 -18.19
C HIS C 243 -8.06 -31.51 -18.79
N TYR C 244 -8.93 -31.63 -19.78
CA TYR C 244 -9.63 -30.48 -20.35
C TYR C 244 -10.88 -30.22 -19.53
N VAL C 245 -11.06 -28.96 -19.16
CA VAL C 245 -12.25 -28.53 -18.41
C VAL C 245 -12.95 -27.47 -19.23
N PHE C 246 -14.22 -27.71 -19.55
CA PHE C 246 -15.03 -26.80 -20.37
C PHE C 246 -16.07 -26.16 -19.50
N SER C 247 -16.00 -24.84 -19.36
CA SER C 247 -16.96 -24.14 -18.52
C SER C 247 -18.29 -23.79 -19.23
N TYR C 248 -18.23 -23.56 -20.55
CA TYR C 248 -19.36 -23.02 -21.36
C TYR C 248 -19.95 -21.71 -20.84
N LYS C 249 -19.13 -20.94 -20.12
CA LYS C 249 -19.55 -19.69 -19.53
C LYS C 249 -18.45 -18.67 -19.79
N GLN C 250 -18.84 -17.46 -20.18
CA GLN C 250 -17.87 -16.40 -20.42
C GLN C 250 -17.69 -15.60 -19.13
N ASN C 251 -17.13 -16.27 -18.14
CA ASN C 251 -16.89 -15.76 -16.82
C ASN C 251 -15.69 -16.53 -16.31
N SER C 252 -14.55 -15.85 -16.23
CA SER C 252 -13.30 -16.40 -15.73
C SER C 252 -13.40 -17.04 -14.35
N ASP C 253 -14.19 -16.42 -13.47
CA ASP C 253 -14.43 -16.96 -12.13
C ASP C 253 -15.16 -18.30 -12.14
N ALA C 254 -16.11 -18.47 -13.06
CA ALA C 254 -16.76 -19.76 -13.29
C ALA C 254 -15.78 -20.79 -13.85
N THR C 255 -14.97 -20.38 -14.81
CA THR C 255 -14.02 -21.27 -15.42
C THR C 255 -13.00 -21.79 -14.41
N SER C 256 -12.52 -20.93 -13.53
CA SER C 256 -11.52 -21.35 -12.57
C SER C 256 -12.15 -22.19 -11.46
N PHE C 257 -13.43 -21.91 -11.14
CA PHE C 257 -14.21 -22.79 -10.25
C PHE C 257 -14.25 -24.20 -10.78
N TYR C 258 -14.57 -24.36 -12.05
CA TYR C 258 -14.70 -25.68 -12.64
C TYR C 258 -13.36 -26.42 -12.65
N VAL C 259 -12.26 -25.71 -12.89
CA VAL C 259 -10.92 -26.29 -12.84
C VAL C 259 -10.57 -26.74 -11.42
N GLN C 260 -10.86 -25.87 -10.44
CA GLN C 260 -10.71 -26.22 -9.03
C GLN C 260 -11.54 -27.45 -8.65
N ASP C 261 -12.76 -27.53 -9.16
CA ASP C 261 -13.67 -28.64 -8.88
C ASP C 261 -13.26 -29.95 -9.56
N GLU C 262 -12.54 -29.87 -10.68
CA GLU C 262 -12.01 -31.07 -11.32
C GLU C 262 -10.80 -31.59 -10.56
N ILE C 263 -9.98 -30.68 -10.06
CA ILE C 263 -8.87 -31.04 -9.20
C ILE C 263 -9.38 -31.74 -7.93
N TYR C 264 -10.41 -31.17 -7.29
CA TYR C 264 -11.04 -31.74 -6.09
C TYR C 264 -11.67 -33.12 -6.28
N LYS C 265 -12.15 -33.40 -7.51
CA LYS C 265 -12.61 -34.74 -7.90
C LYS C 265 -11.51 -35.79 -7.76
N ARG C 266 -10.28 -35.37 -8.00
CA ARG C 266 -9.09 -36.24 -7.96
C ARG C 266 -8.11 -35.73 -6.90
N LYS C 267 -8.66 -35.30 -5.78
CA LYS C 267 -7.91 -34.62 -4.73
C LYS C 267 -6.72 -35.43 -4.22
N THR C 268 -6.96 -36.72 -3.94
CA THR C 268 -5.94 -37.62 -3.41
C THR C 268 -4.80 -37.86 -4.41
N GLU C 269 -5.16 -38.19 -5.65
CA GLU C 269 -4.20 -38.35 -6.75
C GLU C 269 -3.34 -37.10 -6.96
N PHE C 270 -3.97 -35.94 -6.82
CA PHE C 270 -3.34 -34.64 -7.04
C PHE C 270 -2.37 -34.29 -5.91
N LEU C 271 -2.84 -34.43 -4.68
CA LEU C 271 -1.98 -34.25 -3.50
C LEU C 271 -0.84 -35.28 -3.49
N ASN C 272 -1.17 -36.53 -3.82
CA ASN C 272 -0.18 -37.60 -4.00
C ASN C 272 0.93 -37.25 -4.97
N LEU C 273 0.54 -36.72 -6.13
CA LEU C 273 1.48 -36.27 -7.16
C LEU C 273 2.42 -35.20 -6.64
N PHE C 274 1.85 -34.25 -5.91
CA PHE C 274 2.60 -33.09 -5.44
C PHE C 274 3.57 -33.48 -4.32
N ASN C 275 3.15 -34.42 -3.47
CA ASN C 275 3.98 -34.84 -2.33
C ASN C 275 4.98 -35.98 -2.58
N ASN C 276 4.52 -37.08 -3.19
CA ASN C 276 5.36 -38.27 -3.38
C ASN C 276 6.17 -38.26 -4.65
N TYR C 277 5.58 -37.70 -5.70
CA TYR C 277 6.28 -37.54 -6.96
C TYR C 277 7.04 -36.20 -7.02
N LYS C 278 6.89 -35.40 -5.96
CA LYS C 278 7.62 -34.11 -5.82
C LYS C 278 7.49 -33.23 -7.06
N CYS C 279 6.25 -32.99 -7.48
CA CYS C 279 5.98 -32.23 -8.69
C CYS C 279 6.22 -30.76 -8.46
N GLU C 280 6.85 -30.11 -9.43
CA GLU C 280 6.82 -28.66 -9.50
C GLU C 280 5.42 -28.27 -9.98
N LEU C 281 4.76 -27.37 -9.24
CA LEU C 281 3.41 -26.94 -9.58
C LEU C 281 3.41 -25.55 -10.23
N TYR C 282 2.79 -25.45 -11.41
CA TYR C 282 2.70 -24.18 -12.13
C TYR C 282 1.25 -23.79 -12.32
N ILE C 283 0.97 -22.50 -12.13
CA ILE C 283 -0.38 -21.93 -12.28
C ILE C 283 -0.31 -20.66 -13.15
N CYS C 284 -1.09 -20.66 -14.22
CA CYS C 284 -1.02 -19.59 -15.21
C CYS C 284 -2.39 -19.28 -15.76
N GLY C 285 -2.71 -17.99 -15.84
CA GLY C 285 -4.00 -17.53 -16.36
C GLY C 285 -4.65 -16.46 -15.49
N HIS C 286 -5.98 -16.43 -15.52
CA HIS C 286 -6.78 -15.46 -14.77
C HIS C 286 -6.48 -15.54 -13.27
N LYS C 287 -6.33 -14.38 -12.63
CA LYS C 287 -6.02 -14.28 -11.21
C LYS C 287 -6.81 -15.22 -10.29
N SER C 288 -8.04 -15.55 -10.67
CA SER C 288 -8.92 -16.33 -9.79
C SER C 288 -8.49 -17.77 -9.52
N ILE C 289 -7.66 -18.38 -10.38
CA ILE C 289 -7.24 -19.77 -10.13
C ILE C 289 -6.24 -19.87 -9.00
N ARG C 290 -5.43 -18.83 -8.82
CA ARG C 290 -4.28 -18.84 -7.90
C ARG C 290 -4.66 -19.38 -6.52
N TYR C 291 -5.57 -18.69 -5.84
CA TYR C 291 -5.96 -19.07 -4.48
C TYR C 291 -6.87 -20.29 -4.47
N LYS C 292 -7.58 -20.53 -5.56
CA LYS C 292 -8.43 -21.72 -5.64
C LYS C 292 -7.60 -23.01 -5.61
N VAL C 293 -6.46 -23.01 -6.30
CA VAL C 293 -5.55 -24.15 -6.31
C VAL C 293 -4.77 -24.27 -5.00
N MET C 294 -4.33 -23.15 -4.47
CA MET C 294 -3.64 -23.11 -3.18
C MET C 294 -4.47 -23.70 -2.04
N ASP C 295 -5.77 -23.44 -2.06
CA ASP C 295 -6.70 -23.92 -1.03
C ASP C 295 -6.83 -25.43 -1.02
N ILE C 296 -6.51 -26.07 -2.15
CA ILE C 296 -6.51 -27.52 -2.25
C ILE C 296 -5.30 -28.06 -1.50
N LEU C 297 -4.18 -27.34 -1.59
CA LEU C 297 -2.94 -27.71 -0.90
C LEU C 297 -2.99 -27.43 0.61
N LYS C 298 -3.93 -26.59 1.03
CA LYS C 298 -4.13 -26.29 2.45
C LYS C 298 -5.27 -27.13 3.05
N SER C 299 -5.28 -28.42 2.72
CA SER C 299 -6.22 -29.39 3.28
C SER C 299 -5.76 -30.83 2.99
N PHE C 303 1.38 -28.17 4.85
CA PHE C 303 1.77 -27.31 3.74
C PHE C 303 2.78 -26.23 4.17
N ASP C 304 4.04 -26.64 4.23
CA ASP C 304 5.13 -25.83 4.79
C ASP C 304 5.68 -24.77 3.84
N GLU C 305 6.96 -24.44 4.01
CA GLU C 305 7.60 -23.33 3.30
C GLU C 305 8.40 -23.76 2.08
N LYS C 306 8.95 -24.97 2.11
CA LYS C 306 9.73 -25.50 0.98
C LYS C 306 8.88 -26.33 0.01
N LYS C 307 7.59 -26.47 0.33
CA LYS C 307 6.58 -26.92 -0.62
C LYS C 307 6.16 -25.73 -1.47
N LYS C 308 6.15 -24.54 -0.86
CA LYS C 308 5.87 -23.28 -1.54
C LYS C 308 6.94 -22.95 -2.58
N LYS C 309 8.14 -23.48 -2.39
CA LYS C 309 9.25 -23.31 -3.36
C LYS C 309 8.98 -24.10 -4.63
N ARG C 310 8.04 -25.03 -4.56
CA ARG C 310 7.69 -25.88 -5.69
C ARG C 310 6.45 -25.38 -6.43
N VAL C 311 5.94 -24.23 -6.00
CA VAL C 311 4.75 -23.59 -6.56
C VAL C 311 5.09 -22.31 -7.35
N HIS C 312 4.71 -22.30 -8.62
CA HIS C 312 5.01 -21.19 -9.50
C HIS C 312 3.73 -20.56 -10.03
N VAL C 313 3.68 -19.23 -9.94
CA VAL C 313 2.50 -18.48 -10.30
C VAL C 313 2.80 -17.36 -11.32
N GLU C 314 1.98 -17.34 -12.37
CA GLU C 314 2.01 -16.30 -13.37
C GLU C 314 0.55 -16.01 -13.72
N VAL C 315 -0.13 -15.23 -12.89
CA VAL C 315 -1.51 -14.84 -13.17
C VAL C 315 -1.66 -13.37 -13.66
N TYR C 316 -2.79 -13.07 -14.31
CA TYR C 316 -2.97 -11.80 -15.04
C TYR C 316 -4.40 -11.53 -15.53
N ASN D 5 -18.31 14.57 -23.23
CA ASN D 5 -17.98 15.96 -23.65
C ASN D 5 -16.60 16.05 -24.32
N PHE D 6 -15.80 17.06 -23.92
CA PHE D 6 -14.43 17.21 -24.43
C PHE D 6 -13.47 16.14 -23.92
N ILE D 7 -13.78 15.56 -22.76
CA ILE D 7 -12.99 14.48 -22.19
C ILE D 7 -13.08 13.20 -23.03
N ASN D 8 -11.91 12.67 -23.40
CA ASN D 8 -11.77 11.44 -24.18
C ASN D 8 -12.43 11.47 -25.57
N LEU D 9 -12.33 12.61 -26.25
CA LEU D 9 -12.66 12.69 -27.67
C LEU D 9 -11.68 11.85 -28.49
N TYR D 10 -10.47 11.70 -27.96
CA TYR D 10 -9.43 10.89 -28.57
C TYR D 10 -8.76 10.07 -27.46
N THR D 11 -8.65 8.77 -27.69
CA THR D 11 -7.95 7.87 -26.78
C THR D 11 -6.78 7.21 -27.51
N VAL D 12 -6.04 6.35 -26.82
CA VAL D 12 -4.97 5.54 -27.43
C VAL D 12 -5.55 4.64 -28.54
N LYS D 13 -6.83 4.29 -28.39
CA LYS D 13 -7.59 3.57 -29.41
C LYS D 13 -7.83 4.39 -30.68
N ASN D 14 -8.01 5.70 -30.53
CA ASN D 14 -8.16 6.63 -31.66
C ASN D 14 -7.42 7.95 -31.47
N PRO D 15 -6.08 7.93 -31.53
CA PRO D 15 -5.32 9.17 -31.38
C PRO D 15 -5.55 10.16 -32.54
N LEU D 16 -5.31 11.44 -32.26
CA LEU D 16 -5.40 12.49 -33.26
C LEU D 16 -4.00 12.82 -33.72
N LYS D 17 -3.77 12.66 -35.02
CA LYS D 17 -2.47 12.93 -35.61
C LYS D 17 -2.28 14.45 -35.81
N CYS D 18 -1.17 14.95 -35.27
CA CYS D 18 -0.89 16.38 -35.21
C CYS D 18 0.50 16.65 -35.74
N LYS D 19 0.87 17.93 -35.89
CA LYS D 19 2.22 18.27 -36.34
C LYS D 19 2.93 19.27 -35.43
N ILE D 20 4.24 19.10 -35.29
CA ILE D 20 5.08 20.03 -34.53
C ILE D 20 5.32 21.30 -35.35
N VAL D 21 4.71 22.40 -34.90
CA VAL D 21 4.90 23.72 -35.49
C VAL D 21 6.18 24.38 -34.94
N ASP D 22 6.41 24.23 -33.63
CA ASP D 22 7.55 24.85 -32.96
C ASP D 22 8.08 24.00 -31.80
N LYS D 23 9.40 24.00 -31.64
CA LYS D 23 10.04 23.36 -30.50
C LYS D 23 11.07 24.32 -29.88
N ILE D 24 10.70 24.92 -28.76
CA ILE D 24 11.50 26.00 -28.15
C ILE D 24 12.00 25.64 -26.76
N ASN D 25 13.31 25.77 -26.54
CA ASN D 25 13.90 25.68 -25.21
C ASN D 25 13.29 26.75 -24.30
N LEU D 26 12.70 26.32 -23.19
CA LEU D 26 11.99 27.21 -22.26
C LEU D 26 12.87 27.75 -21.14
N VAL D 27 14.12 27.31 -21.10
CA VAL D 27 15.02 27.74 -20.02
C VAL D 27 16.19 28.57 -20.55
N ARG D 28 16.81 29.34 -19.65
CA ARG D 28 17.96 30.17 -19.97
C ARG D 28 19.26 29.47 -19.57
N PRO D 29 20.37 29.77 -20.29
CA PRO D 29 21.70 29.14 -20.15
C PRO D 29 22.07 28.52 -18.80
N ASN D 30 21.73 29.17 -17.69
CA ASN D 30 22.16 28.72 -16.36
C ASN D 30 21.24 27.69 -15.72
N SER D 31 20.28 27.18 -16.47
CA SER D 31 19.38 26.14 -15.98
C SER D 31 20.00 24.74 -16.09
N PRO D 32 19.87 23.93 -15.01
CA PRO D 32 20.35 22.54 -14.99
C PRO D 32 19.39 21.61 -15.75
N ASN D 33 18.18 22.10 -16.02
CA ASN D 33 17.13 21.33 -16.66
C ASN D 33 17.09 21.54 -18.17
N GLU D 34 16.34 20.68 -18.83
CA GLU D 34 16.07 20.80 -20.25
C GLU D 34 14.55 20.69 -20.41
N VAL D 35 13.92 21.78 -20.81
CA VAL D 35 12.47 21.81 -20.96
C VAL D 35 12.12 22.41 -22.31
N TYR D 36 11.21 21.75 -23.02
CA TYR D 36 10.78 22.22 -24.32
C TYR D 36 9.32 22.66 -24.34
N HIS D 37 9.11 23.83 -24.91
CA HIS D 37 7.80 24.32 -25.28
C HIS D 37 7.50 23.75 -26.66
N LEU D 38 6.30 23.21 -26.83
CA LEU D 38 5.86 22.68 -28.12
C LEU D 38 4.59 23.35 -28.60
N GLU D 39 4.64 23.91 -29.80
CA GLU D 39 3.45 24.42 -30.49
C GLU D 39 2.97 23.29 -31.42
N ILE D 40 1.73 22.87 -31.23
CA ILE D 40 1.23 21.70 -31.94
C ILE D 40 0.01 22.06 -32.75
N ASN D 41 0.10 21.83 -34.05
CA ASN D 41 -1.05 22.00 -34.94
C ASN D 41 -1.95 20.76 -34.92
N HIS D 42 -3.21 20.98 -34.56
CA HIS D 42 -4.23 19.92 -34.50
C HIS D 42 -5.40 20.17 -35.45
N ASN D 43 -5.19 21.05 -36.43
CA ASN D 43 -6.22 21.47 -37.40
C ASN D 43 -7.57 21.81 -36.76
N GLY D 44 -7.51 22.43 -35.58
CA GLY D 44 -8.70 22.82 -34.84
C GLY D 44 -9.52 21.66 -34.30
N LEU D 45 -8.99 20.45 -34.45
CA LEU D 45 -9.74 19.24 -34.10
C LEU D 45 -9.64 18.86 -32.62
N PHE D 46 -8.53 19.22 -31.97
CA PHE D 46 -8.36 18.96 -30.54
C PHE D 46 -9.15 19.97 -29.72
N LYS D 47 -10.10 19.46 -28.97
CA LYS D 47 -11.00 20.30 -28.19
C LYS D 47 -10.63 20.19 -26.71
N TYR D 48 -10.40 21.35 -26.09
CA TYR D 48 -9.94 21.41 -24.70
C TYR D 48 -10.38 22.67 -23.98
N LEU D 49 -10.58 22.54 -22.67
CA LEU D 49 -10.71 23.69 -21.79
C LEU D 49 -9.34 24.03 -21.19
N GLU D 50 -9.21 25.24 -20.67
CA GLU D 50 -8.01 25.66 -19.96
C GLU D 50 -7.87 24.83 -18.69
N GLY D 51 -6.73 24.19 -18.52
CA GLY D 51 -6.52 23.28 -17.38
C GLY D 51 -6.34 21.83 -17.80
N HIS D 52 -7.04 21.43 -18.86
CA HIS D 52 -6.93 20.09 -19.42
C HIS D 52 -5.49 19.71 -19.76
N THR D 53 -5.24 18.41 -19.74
CA THR D 53 -4.00 17.87 -20.25
C THR D 53 -4.30 17.18 -21.58
N CYS D 54 -3.26 17.05 -22.40
CA CYS D 54 -3.34 16.19 -23.55
C CYS D 54 -2.43 15.01 -23.24
N GLY D 55 -2.74 13.86 -23.83
CA GLY D 55 -1.86 12.72 -23.78
C GLY D 55 -1.05 12.66 -25.04
N ILE D 56 0.23 12.32 -24.90
CA ILE D 56 1.09 12.07 -26.04
C ILE D 56 1.49 10.59 -26.00
N ILE D 57 1.38 9.91 -27.14
CA ILE D 57 1.79 8.52 -27.24
C ILE D 57 3.11 8.43 -28.00
N PRO D 58 4.22 8.25 -27.27
CA PRO D 58 5.52 8.29 -27.95
C PRO D 58 5.67 7.18 -28.98
N TYR D 59 6.36 7.52 -30.07
CA TYR D 59 6.64 6.63 -31.19
C TYR D 59 5.43 6.02 -31.93
N TYR D 60 4.21 6.43 -31.59
CA TYR D 60 3.00 5.94 -32.26
C TYR D 60 3.05 6.16 -33.76
N ASN D 61 2.49 5.22 -34.50
CA ASN D 61 2.35 5.31 -35.96
C ASN D 61 1.03 4.69 -36.43
N GLU D 62 0.43 5.27 -37.47
CA GLU D 62 -0.87 4.81 -38.03
C GLU D 62 -2.06 5.12 -37.11
N ARG D 98 0.00 4.89 -19.18
CA ARG D 98 1.14 3.99 -19.29
C ARG D 98 1.79 4.08 -20.70
N CYS D 99 1.11 4.07 -21.84
CA CYS D 99 1.94 4.25 -23.04
C CYS D 99 1.95 5.72 -23.38
N ALA D 100 0.86 6.34 -22.99
CA ALA D 100 0.57 7.75 -23.19
C ALA D 100 1.03 8.55 -21.97
N ARG D 101 1.72 9.66 -22.24
CA ARG D 101 2.09 10.60 -21.19
C ARG D 101 1.23 11.87 -21.26
N LEU D 102 0.62 12.22 -20.13
CA LEU D 102 -0.15 13.44 -19.97
C LEU D 102 0.74 14.69 -19.84
N TYR D 103 0.27 15.80 -20.42
CA TYR D 103 0.93 17.10 -20.35
C TYR D 103 -0.11 18.20 -20.31
N SER D 104 0.05 19.10 -19.36
CA SER D 104 -0.81 20.28 -19.25
C SER D 104 -0.67 21.15 -20.50
N ILE D 105 -1.80 21.52 -21.09
CA ILE D 105 -1.78 22.44 -22.23
C ILE D 105 -1.59 23.87 -21.70
N SER D 106 -0.58 24.56 -22.22
CA SER D 106 -0.24 25.90 -21.74
C SER D 106 -0.89 27.04 -22.55
N SER D 107 -1.75 26.69 -23.50
CA SER D 107 -2.43 27.64 -24.38
C SER D 107 -3.91 27.67 -24.10
N SER D 108 -4.55 28.76 -24.51
CA SER D 108 -6.00 28.89 -24.38
C SER D 108 -6.68 28.43 -25.69
N ASN D 109 -7.95 28.03 -25.57
CA ASN D 109 -8.81 27.61 -26.70
C ASN D 109 -8.67 28.40 -27.98
N ASN D 110 -8.80 29.73 -27.86
CA ASN D 110 -8.83 30.64 -29.00
C ASN D 110 -7.52 30.70 -29.81
N MET D 111 -6.46 30.10 -29.29
CA MET D 111 -5.20 30.03 -30.03
C MET D 111 -5.34 28.94 -31.08
N GLU D 112 -4.73 29.13 -32.24
CA GLU D 112 -4.88 28.19 -33.36
C GLU D 112 -4.27 26.82 -33.05
N ASN D 113 -2.99 26.85 -32.68
CA ASN D 113 -2.27 25.69 -32.18
C ASN D 113 -2.36 25.59 -30.66
N LEU D 114 -2.26 24.36 -30.14
CA LEU D 114 -2.11 24.17 -28.71
C LEU D 114 -0.61 24.09 -28.37
N SER D 115 -0.28 24.38 -27.12
CA SER D 115 1.11 24.29 -26.68
C SER D 115 1.24 23.46 -25.41
N VAL D 116 2.44 23.00 -25.16
CA VAL D 116 2.70 22.11 -24.04
C VAL D 116 4.13 22.38 -23.57
N ALA D 117 4.40 22.20 -22.28
CA ALA D 117 5.77 22.33 -21.80
C ALA D 117 6.24 20.99 -21.24
N ILE D 118 7.33 20.48 -21.81
CA ILE D 118 7.84 19.14 -21.45
C ILE D 118 9.26 19.15 -20.87
N LYS D 119 9.38 18.74 -19.63
CA LYS D 119 10.70 18.45 -19.06
C LYS D 119 11.27 17.17 -19.69
N ILE D 120 12.52 17.23 -20.12
CA ILE D 120 13.23 16.08 -20.64
C ILE D 120 13.98 15.44 -19.47
N HIS D 121 13.46 14.29 -19.02
CA HIS D 121 14.02 13.55 -17.90
C HIS D 121 15.28 12.75 -18.31
N LYS D 122 16.29 12.75 -17.44
CA LYS D 122 17.53 11.99 -17.65
C LYS D 122 17.89 11.24 -16.38
N TYR D 123 18.54 10.08 -16.52
CA TYR D 123 18.98 9.28 -15.37
C TYR D 123 20.37 8.65 -15.53
N ASN D 134 20.75 7.80 -19.49
CA ASN D 134 19.70 7.65 -20.50
C ASN D 134 18.52 8.63 -20.29
N TYR D 135 17.45 8.43 -21.06
CA TYR D 135 16.28 9.29 -21.05
C TYR D 135 15.03 8.50 -20.69
N GLY D 136 14.07 9.19 -20.08
CA GLY D 136 12.73 8.63 -19.87
C GLY D 136 12.08 8.31 -21.19
N TYR D 137 10.99 7.54 -21.15
CA TYR D 137 10.35 7.02 -22.38
C TYR D 137 9.86 8.12 -23.33
N CYS D 138 8.95 8.98 -22.85
CA CYS D 138 8.43 10.10 -23.65
C CYS D 138 9.48 11.19 -23.82
N SER D 139 10.23 11.46 -22.76
CA SER D 139 11.33 12.43 -22.76
C SER D 139 12.23 12.24 -23.96
N GLY D 140 12.70 11.00 -24.17
CA GLY D 140 13.61 10.64 -25.27
C GLY D 140 12.99 10.84 -26.64
N PHE D 141 11.71 10.48 -26.75
CA PHE D 141 10.91 10.75 -27.93
C PHE D 141 10.91 12.26 -28.23
N ILE D 142 10.38 13.06 -27.30
CA ILE D 142 10.32 14.52 -27.43
C ILE D 142 11.69 15.15 -27.73
N LYS D 143 12.74 14.60 -27.10
CA LYS D 143 14.12 15.05 -27.27
C LYS D 143 14.53 15.05 -28.73
N ASN D 144 14.17 13.97 -29.45
CA ASN D 144 14.56 13.80 -30.85
C ASN D 144 13.51 14.25 -31.88
N LEU D 145 12.37 14.74 -31.40
CA LEU D 145 11.36 15.33 -32.27
C LEU D 145 11.89 16.57 -33.00
N LYS D 146 11.62 16.62 -34.31
CA LYS D 146 11.98 17.77 -35.12
C LYS D 146 10.75 18.64 -35.38
N ILE D 147 10.96 19.82 -35.97
CA ILE D 147 9.85 20.63 -36.46
C ILE D 147 9.27 19.95 -37.71
N ASN D 148 7.95 19.79 -37.73
CA ASN D 148 7.19 19.12 -38.81
C ASN D 148 7.10 17.59 -38.69
N ASP D 149 7.65 17.04 -37.61
CA ASP D 149 7.39 15.67 -37.21
C ASP D 149 5.94 15.53 -36.78
N ASP D 150 5.39 14.32 -36.92
CA ASP D 150 4.03 14.07 -36.47
C ASP D 150 4.04 13.73 -34.99
N ILE D 151 2.90 13.97 -34.34
CA ILE D 151 2.71 13.63 -32.94
C ILE D 151 1.25 13.23 -32.78
N TYR D 152 1.00 12.22 -31.95
CA TYR D 152 -0.36 11.72 -31.76
C TYR D 152 -0.80 12.03 -30.36
N LEU D 153 -1.93 12.72 -30.26
CA LEU D 153 -2.44 13.19 -28.98
C LEU D 153 -3.71 12.46 -28.55
N THR D 154 -3.93 12.40 -27.23
CA THR D 154 -5.19 11.91 -26.67
C THR D 154 -5.75 12.99 -25.75
N GLY D 155 -7.05 12.99 -25.54
CA GLY D 155 -7.65 13.95 -24.64
C GLY D 155 -9.00 14.45 -25.08
N ALA D 156 -9.53 15.44 -24.37
CA ALA D 156 -8.84 16.08 -23.26
C ALA D 156 -8.93 15.24 -21.98
N HIS D 157 -7.97 15.40 -21.08
CA HIS D 157 -7.99 14.67 -19.81
C HIS D 157 -8.01 15.64 -18.63
N GLY D 158 -8.66 15.23 -17.54
CA GLY D 158 -8.57 15.93 -16.26
C GLY D 158 -9.73 16.83 -15.88
N TYR D 159 -9.69 17.29 -14.64
CA TYR D 159 -10.75 18.14 -14.04
C TYR D 159 -10.14 19.38 -13.36
N PHE D 160 -8.96 19.77 -13.83
CA PHE D 160 -8.19 20.86 -13.25
C PHE D 160 -8.50 22.18 -13.98
N ASN D 161 -9.76 22.59 -13.89
CA ASN D 161 -10.29 23.70 -14.70
C ASN D 161 -10.71 24.86 -13.83
N LEU D 162 -10.88 26.03 -14.45
CA LEU D 162 -11.52 27.16 -13.78
C LEU D 162 -13.02 26.91 -13.71
N PRO D 163 -13.70 27.49 -12.70
CA PRO D 163 -15.17 27.56 -12.74
C PRO D 163 -15.63 28.49 -13.88
N ASN D 164 -16.86 28.30 -14.35
CA ASN D 164 -17.39 29.19 -15.40
C ASN D 164 -17.84 30.55 -14.88
N ASP D 165 -18.05 30.63 -13.56
CA ASP D 165 -18.28 31.89 -12.84
C ASP D 165 -17.13 32.87 -13.09
N ALA D 166 -15.90 32.34 -13.01
CA ALA D 166 -14.63 33.09 -13.02
C ALA D 166 -14.66 34.54 -13.51
N ILE D 167 -14.80 34.74 -14.81
CA ILE D 167 -14.69 36.07 -15.41
C ILE D 167 -15.84 37.02 -15.02
N GLN D 168 -17.04 36.46 -14.86
CA GLN D 168 -18.23 37.24 -14.49
C GLN D 168 -18.38 37.44 -12.98
N LYS D 169 -18.01 36.44 -12.20
CA LYS D 169 -18.06 36.53 -10.74
C LYS D 169 -16.82 37.16 -10.10
N ASN D 170 -15.79 37.39 -10.92
CA ASN D 170 -14.49 37.90 -10.46
C ASN D 170 -13.93 37.05 -9.30
N THR D 171 -13.86 35.75 -9.53
CA THR D 171 -13.39 34.80 -8.55
C THR D 171 -11.91 35.02 -8.30
N ASN D 172 -11.53 34.96 -7.03
CA ASN D 172 -10.14 35.08 -6.64
C ASN D 172 -9.43 33.72 -6.65
N PHE D 173 -8.12 33.73 -6.88
CA PHE D 173 -7.37 32.49 -7.05
C PHE D 173 -6.06 32.47 -6.33
N ILE D 174 -5.72 31.27 -5.86
CA ILE D 174 -4.35 30.94 -5.46
C ILE D 174 -3.84 29.82 -6.37
N PHE D 175 -2.68 30.08 -6.99
CA PHE D 175 -2.04 29.14 -7.89
C PHE D 175 -0.66 28.77 -7.33
N ILE D 176 -0.46 27.48 -7.07
CA ILE D 176 0.81 26.99 -6.55
C ILE D 176 1.37 25.96 -7.52
N ALA D 177 2.63 26.13 -7.86
CA ALA D 177 3.29 25.31 -8.87
C ALA D 177 4.75 25.09 -8.55
N THR D 178 5.24 23.92 -8.93
CA THR D 178 6.67 23.68 -8.97
C THR D 178 6.99 23.19 -10.37
N GLY D 179 8.19 23.51 -10.86
CA GLY D 179 8.65 23.05 -12.18
C GLY D 179 7.68 23.27 -13.33
N THR D 180 7.07 22.19 -13.81
CA THR D 180 6.16 22.24 -14.97
C THR D 180 4.71 22.48 -14.56
N GLY D 181 4.46 22.50 -13.26
CA GLY D 181 3.12 22.76 -12.75
C GLY D 181 2.56 24.14 -13.09
N ILE D 182 3.42 25.01 -13.63
CA ILE D 182 3.00 26.35 -14.05
C ILE D 182 2.10 26.36 -15.30
N SER D 183 2.33 25.40 -16.21
CA SER D 183 1.62 25.33 -17.50
C SER D 183 0.10 25.55 -17.44
N PRO D 184 -0.62 24.82 -16.56
CA PRO D 184 -2.05 25.09 -16.60
C PRO D 184 -2.41 26.51 -16.17
N TYR D 185 -1.60 27.13 -15.32
CA TYR D 185 -1.86 28.51 -14.87
C TYR D 185 -1.58 29.55 -15.95
N ILE D 186 -0.63 29.25 -16.84
CA ILE D 186 -0.43 30.06 -18.03
C ILE D 186 -1.70 30.13 -18.90
N SER D 187 -2.37 28.99 -19.08
CA SER D 187 -3.59 28.94 -19.87
C SER D 187 -4.74 29.63 -19.18
N PHE D 188 -4.82 29.51 -17.85
CA PHE D 188 -5.80 30.25 -17.04
C PHE D 188 -5.64 31.78 -17.25
N LEU D 189 -4.38 32.23 -17.18
CA LEU D 189 -4.04 33.65 -17.30
C LEU D 189 -4.33 34.22 -18.69
N LYS D 190 -3.92 33.49 -19.73
CA LYS D 190 -4.34 33.79 -21.11
C LYS D 190 -5.88 33.90 -21.28
N LYS D 191 -6.64 33.05 -20.59
CA LYS D 191 -8.10 33.16 -20.61
C LYS D 191 -8.67 34.33 -19.80
N LEU D 192 -8.19 34.51 -18.56
CA LEU D 192 -8.75 35.53 -17.67
C LEU D 192 -8.37 36.97 -18.05
N PHE D 193 -7.30 37.13 -18.82
CA PHE D 193 -6.75 38.44 -19.18
C PHE D 193 -6.64 38.63 -20.69
N ALA D 194 -7.30 37.74 -21.44
CA ALA D 194 -7.36 37.76 -22.91
C ALA D 194 -6.04 38.06 -23.62
N TYR D 195 -5.00 37.31 -23.27
CA TYR D 195 -3.65 37.44 -23.85
C TYR D 195 -3.61 37.31 -25.38
N ASP D 196 -2.57 37.87 -25.99
CA ASP D 196 -2.38 37.78 -27.43
C ASP D 196 -0.89 37.68 -27.81
N LEU D 200 4.45 47.57 -27.26
CA LEU D 200 3.11 47.64 -27.85
C LEU D 200 2.21 46.51 -27.37
N TYR D 201 1.07 46.79 -26.85
CA TYR D 201 0.27 45.67 -26.46
C TYR D 201 -1.04 46.25 -25.87
N ASN D 202 -2.13 45.58 -26.23
CA ASN D 202 -3.47 45.95 -25.77
C ASN D 202 -3.80 45.31 -24.43
N ARG D 203 -4.41 46.10 -23.56
CA ARG D 203 -4.70 45.68 -22.18
C ARG D 203 -6.16 45.26 -21.99
N ASN D 204 -6.70 44.54 -22.98
CA ASN D 204 -8.10 44.09 -22.98
C ASN D 204 -8.36 42.97 -21.97
N SER D 205 -9.08 43.31 -20.90
CA SER D 205 -9.39 42.38 -19.82
C SER D 205 -10.68 42.77 -19.10
N ASN D 206 -11.52 41.78 -18.81
CA ASN D 206 -12.82 42.01 -18.16
C ASN D 206 -12.93 41.30 -16.80
N TYR D 207 -11.86 40.60 -16.42
CA TYR D 207 -11.76 39.95 -15.11
C TYR D 207 -11.09 40.92 -14.13
N THR D 208 -11.67 41.03 -12.93
CA THR D 208 -11.15 41.95 -11.91
C THR D 208 -10.93 41.34 -10.52
N GLY D 209 -10.96 40.01 -10.44
CA GLY D 209 -10.57 39.29 -9.21
C GLY D 209 -9.06 39.33 -8.98
N TYR D 210 -8.64 38.84 -7.81
CA TYR D 210 -7.24 38.86 -7.42
C TYR D 210 -6.63 37.46 -7.53
N ILE D 211 -5.40 37.40 -8.03
CA ILE D 211 -4.67 36.15 -8.20
C ILE D 211 -3.31 36.17 -7.51
N THR D 212 -3.06 35.16 -6.69
CA THR D 212 -1.76 34.97 -6.06
C THR D 212 -1.13 33.70 -6.63
N ILE D 213 0.13 33.79 -7.02
CA ILE D 213 0.86 32.68 -7.59
C ILE D 213 2.11 32.41 -6.75
N TYR D 214 2.29 31.15 -6.36
CA TYR D 214 3.55 30.70 -5.77
C TYR D 214 4.15 29.71 -6.73
N TYR D 215 5.38 29.98 -7.14
CA TYR D 215 6.03 29.18 -8.16
C TYR D 215 7.46 28.82 -7.74
N GLY D 216 7.70 27.53 -7.55
CA GLY D 216 9.01 27.06 -7.11
C GLY D 216 9.84 26.40 -8.19
N VAL D 217 11.05 26.88 -8.37
CA VAL D 217 12.00 26.31 -9.32
C VAL D 217 13.42 26.28 -8.73
N TYR D 218 14.36 25.72 -9.49
CA TYR D 218 15.78 25.68 -9.12
C TYR D 218 16.43 27.08 -9.10
N ASN D 219 16.33 27.83 -10.20
CA ASN D 219 16.82 29.22 -10.26
C ASN D 219 16.06 30.11 -11.26
N GLU D 220 16.42 31.39 -11.32
CA GLU D 220 15.76 32.35 -12.23
C GLU D 220 15.69 31.80 -13.66
N ASP D 221 16.79 31.21 -14.12
CA ASP D 221 16.89 30.60 -15.44
C ASP D 221 15.98 29.38 -15.65
N SER D 222 15.44 28.86 -14.56
CA SER D 222 14.55 27.68 -14.61
C SER D 222 13.06 28.04 -14.50
N ILE D 223 12.73 29.33 -14.54
CA ILE D 223 11.33 29.75 -14.52
C ILE D 223 10.73 29.49 -15.90
N LEU D 224 9.72 28.64 -15.95
CA LEU D 224 9.06 28.38 -17.25
C LEU D 224 8.00 29.43 -17.56
N TYR D 225 8.01 29.91 -18.80
CA TYR D 225 7.10 30.97 -19.24
C TYR D 225 7.37 32.25 -18.46
N LEU D 226 8.64 32.52 -18.19
CA LEU D 226 9.05 33.66 -17.38
C LEU D 226 8.49 34.97 -17.93
N ASN D 227 8.59 35.11 -19.26
CA ASN D 227 8.15 36.30 -19.97
C ASN D 227 6.65 36.52 -19.98
N GLU D 228 5.87 35.44 -19.96
CA GLU D 228 4.43 35.53 -19.81
C GLU D 228 4.06 35.90 -18.38
N LEU D 229 4.82 35.36 -17.42
CA LEU D 229 4.52 35.55 -16.00
C LEU D 229 4.82 36.97 -15.61
N GLU D 230 5.97 37.48 -16.06
CA GLU D 230 6.35 38.87 -15.88
C GLU D 230 5.36 39.84 -16.51
N TYR D 231 5.03 39.59 -17.79
CA TYR D 231 3.99 40.32 -18.50
C TYR D 231 2.67 40.41 -17.74
N PHE D 232 2.12 39.28 -17.33
CA PHE D 232 0.84 39.29 -16.62
C PHE D 232 0.91 40.07 -15.31
N GLN D 233 1.95 39.81 -14.53
CA GLN D 233 2.14 40.45 -13.24
C GLN D 233 2.33 41.97 -13.38
N LYS D 234 3.12 42.37 -14.36
CA LYS D 234 3.40 43.78 -14.59
C LYS D 234 2.24 44.53 -15.29
N MET D 235 1.56 43.88 -16.23
CA MET D 235 0.39 44.48 -16.88
C MET D 235 -0.80 44.61 -15.96
N TYR D 236 -0.94 43.69 -15.00
CA TYR D 236 -2.06 43.72 -14.04
C TYR D 236 -1.58 43.66 -12.58
N PRO D 237 -0.81 44.68 -12.13
CA PRO D 237 -0.11 44.60 -10.83
C PRO D 237 -1.07 44.61 -9.64
N ASN D 238 -2.31 45.06 -9.89
CA ASN D 238 -3.34 45.12 -8.87
C ASN D 238 -4.18 43.87 -8.83
N ASN D 239 -3.99 42.99 -9.81
CA ASN D 239 -4.80 41.77 -9.95
C ASN D 239 -4.00 40.50 -9.77
N ILE D 240 -2.70 40.56 -10.00
CA ILE D 240 -1.83 39.42 -9.84
C ILE D 240 -0.53 39.71 -9.10
N ASN D 241 -0.16 38.78 -8.23
CA ASN D 241 1.08 38.83 -7.46
C ASN D 241 1.77 37.47 -7.48
N ILE D 242 3.02 37.44 -7.96
CA ILE D 242 3.76 36.18 -8.10
C ILE D 242 4.94 36.07 -7.13
N HIS D 243 4.95 34.97 -6.37
CA HIS D 243 6.06 34.67 -5.48
C HIS D 243 6.91 33.56 -6.09
N TYR D 244 8.04 33.97 -6.66
CA TYR D 244 9.07 33.08 -7.17
C TYR D 244 9.91 32.55 -6.03
N VAL D 245 10.26 31.27 -6.13
CA VAL D 245 11.04 30.57 -5.13
C VAL D 245 12.19 29.81 -5.80
N PHE D 246 13.42 29.99 -5.31
CA PHE D 246 14.56 29.31 -5.90
C PHE D 246 15.24 28.40 -4.89
N SER D 247 15.31 27.10 -5.22
CA SER D 247 15.86 26.13 -4.28
C SER D 247 17.36 25.94 -4.47
N TYR D 248 17.79 25.96 -5.74
CA TYR D 248 19.16 25.59 -6.13
C TYR D 248 19.47 24.13 -5.79
N LYS D 249 18.41 23.36 -5.52
CA LYS D 249 18.49 21.92 -5.34
C LYS D 249 17.63 21.24 -6.39
N GLN D 250 18.14 20.15 -6.96
CA GLN D 250 17.45 19.42 -8.03
C GLN D 250 16.43 18.41 -7.47
N ASN D 251 16.44 18.25 -6.15
CA ASN D 251 15.44 17.46 -5.44
C ASN D 251 14.09 18.16 -5.51
N SER D 252 13.07 17.43 -5.92
CA SER D 252 11.70 17.98 -5.97
C SER D 252 11.13 18.17 -4.57
N ASP D 253 11.43 17.22 -3.69
CA ASP D 253 11.05 17.25 -2.28
C ASP D 253 11.55 18.54 -1.58
N ALA D 254 12.82 18.88 -1.83
CA ALA D 254 13.44 20.10 -1.30
C ALA D 254 12.82 21.39 -1.88
N THR D 255 12.68 21.46 -3.21
CA THR D 255 12.07 22.59 -3.90
C THR D 255 10.67 22.94 -3.38
N SER D 256 9.86 21.91 -3.12
CA SER D 256 8.53 22.14 -2.57
C SER D 256 8.55 22.62 -1.11
N PHE D 257 9.58 22.23 -0.36
CA PHE D 257 9.76 22.81 0.99
C PHE D 257 10.04 24.32 0.93
N TYR D 258 10.90 24.73 0.00
CA TYR D 258 11.18 26.15 -0.18
C TYR D 258 9.92 26.92 -0.54
N VAL D 259 9.02 26.26 -1.29
CA VAL D 259 7.70 26.80 -1.63
C VAL D 259 6.81 26.85 -0.41
N GLN D 260 6.81 25.80 0.41
CA GLN D 260 6.01 25.81 1.65
C GLN D 260 6.53 26.85 2.65
N ASP D 261 7.85 27.06 2.64
CA ASP D 261 8.47 28.09 3.47
C ASP D 261 8.09 29.50 3.04
N GLU D 262 8.04 29.74 1.73
CA GLU D 262 7.53 31.02 1.17
C GLU D 262 6.08 31.28 1.55
N ILE D 263 5.24 30.24 1.47
CA ILE D 263 3.84 30.34 1.93
C ILE D 263 3.83 30.56 3.44
N TYR D 264 4.77 29.92 4.14
CA TYR D 264 4.85 30.04 5.61
C TYR D 264 5.14 31.49 6.08
N LYS D 265 6.03 32.18 5.37
CA LYS D 265 6.35 33.60 5.62
C LYS D 265 5.14 34.52 5.41
N ARG D 266 4.22 34.08 4.54
CA ARG D 266 3.06 34.87 4.16
C ARG D 266 1.77 34.19 4.58
N LYS D 267 1.85 33.45 5.69
CA LYS D 267 0.77 32.56 6.13
C LYS D 267 -0.53 33.31 6.43
N THR D 268 -0.43 34.35 7.23
CA THR D 268 -1.58 35.20 7.59
C THR D 268 -2.34 35.71 6.35
N GLU D 269 -1.62 36.32 5.41
CA GLU D 269 -2.17 36.82 4.14
C GLU D 269 -2.78 35.71 3.29
N PHE D 270 -2.07 34.57 3.22
CA PHE D 270 -2.50 33.40 2.48
C PHE D 270 -3.84 32.88 3.00
N LEU D 271 -3.92 32.68 4.32
CA LEU D 271 -5.14 32.19 4.96
C LEU D 271 -6.30 33.19 4.87
N ASN D 272 -5.98 34.48 4.99
CA ASN D 272 -6.94 35.56 4.75
C ASN D 272 -7.52 35.53 3.33
N LEU D 273 -6.67 35.24 2.34
CA LEU D 273 -7.11 35.07 0.95
C LEU D 273 -8.02 33.87 0.74
N PHE D 274 -7.59 32.71 1.23
CA PHE D 274 -8.35 31.47 1.05
C PHE D 274 -9.72 31.55 1.74
N ASN D 275 -9.72 31.92 3.02
CA ASN D 275 -10.94 31.91 3.81
C ASN D 275 -11.88 33.09 3.53
N ASN D 276 -11.36 34.33 3.64
CA ASN D 276 -12.20 35.53 3.53
C ASN D 276 -12.57 35.97 2.11
N TYR D 277 -11.61 35.87 1.18
CA TYR D 277 -11.83 36.34 -0.19
C TYR D 277 -12.41 35.28 -1.12
N LYS D 278 -12.80 34.13 -0.55
CA LYS D 278 -13.40 33.00 -1.26
C LYS D 278 -12.55 32.51 -2.44
N CYS D 279 -11.26 32.31 -2.18
CA CYS D 279 -10.30 31.92 -3.22
C CYS D 279 -10.43 30.46 -3.64
N GLU D 280 -10.18 30.21 -4.92
CA GLU D 280 -9.99 28.85 -5.41
C GLU D 280 -8.49 28.53 -5.38
N LEU D 281 -8.14 27.50 -4.62
CA LEU D 281 -6.76 27.09 -4.48
C LEU D 281 -6.46 25.98 -5.47
N TYR D 282 -5.38 26.15 -6.23
CA TYR D 282 -4.95 25.15 -7.17
C TYR D 282 -3.51 24.75 -6.80
N ILE D 283 -3.24 23.44 -6.85
CA ILE D 283 -1.89 22.92 -6.61
C ILE D 283 -1.51 22.05 -7.80
N CYS D 284 -0.31 22.23 -8.32
CA CYS D 284 0.11 21.47 -9.48
C CYS D 284 1.62 21.28 -9.52
N GLY D 285 2.07 20.09 -9.90
CA GLY D 285 3.50 19.75 -9.96
C GLY D 285 3.78 18.41 -9.28
N HIS D 286 5.05 18.20 -8.88
CA HIS D 286 5.47 16.99 -8.13
C HIS D 286 4.58 16.75 -6.90
N LYS D 287 4.23 15.48 -6.66
CA LYS D 287 3.31 15.08 -5.56
C LYS D 287 3.60 15.66 -4.16
N SER D 288 4.87 16.04 -3.92
CA SER D 288 5.31 16.60 -2.64
C SER D 288 4.72 17.97 -2.23
N ILE D 289 4.30 18.80 -3.20
CA ILE D 289 3.72 20.10 -2.88
C ILE D 289 2.34 19.97 -2.25
N ARG D 290 1.56 18.97 -2.68
CA ARG D 290 0.22 18.78 -2.13
C ARG D 290 0.28 18.64 -0.62
N TYR D 291 1.18 17.78 -0.14
CA TYR D 291 1.29 17.47 1.28
C TYR D 291 1.74 18.70 2.06
N LYS D 292 2.75 19.39 1.52
CA LYS D 292 3.30 20.60 2.13
C LYS D 292 2.31 21.77 2.24
N VAL D 293 1.55 22.01 1.17
CA VAL D 293 0.54 23.08 1.16
C VAL D 293 -0.62 22.75 2.09
N MET D 294 -0.98 21.47 2.16
CA MET D 294 -2.03 20.99 3.06
C MET D 294 -1.68 21.14 4.55
N ASP D 295 -0.41 20.97 4.89
CA ASP D 295 0.08 21.18 6.26
C ASP D 295 -0.11 22.62 6.71
N ILE D 296 0.01 23.55 5.78
CA ILE D 296 -0.23 24.97 6.03
C ILE D 296 -1.73 25.25 6.14
N LEU D 297 -2.55 24.45 5.46
CA LEU D 297 -4.00 24.55 5.55
C LEU D 297 -4.57 23.86 6.79
N LYS D 298 -3.92 22.79 7.23
CA LYS D 298 -4.36 21.99 8.40
C LYS D 298 -3.65 22.41 9.67
N GLN D 302 -9.39 25.80 13.03
CA GLN D 302 -10.30 24.95 12.31
C GLN D 302 -10.23 25.21 10.84
N PHE D 303 -10.04 24.08 10.22
CA PHE D 303 -9.95 23.82 8.82
C PHE D 303 -11.20 22.97 8.57
N ASP D 304 -12.20 23.51 7.92
CA ASP D 304 -13.42 22.77 7.65
C ASP D 304 -13.22 21.73 6.54
N GLU D 305 -14.27 20.98 6.23
CA GLU D 305 -14.23 19.99 5.15
C GLU D 305 -15.11 20.41 3.97
N LYS D 306 -15.67 21.62 4.06
CA LYS D 306 -16.27 22.29 2.91
C LYS D 306 -15.32 23.35 2.37
N LYS D 307 -14.16 23.47 3.03
CA LYS D 307 -13.03 24.24 2.50
C LYS D 307 -12.30 23.41 1.44
N LYS D 308 -12.43 22.08 1.53
CA LYS D 308 -11.83 21.13 0.58
C LYS D 308 -12.40 21.22 -0.83
N LYS D 309 -13.61 21.76 -0.97
CA LYS D 309 -14.25 21.94 -2.29
C LYS D 309 -13.49 22.92 -3.20
N ARG D 310 -12.80 23.87 -2.58
CA ARG D 310 -12.07 24.91 -3.31
C ARG D 310 -10.57 24.59 -3.39
N VAL D 311 -10.21 23.33 -3.12
CA VAL D 311 -8.82 22.90 -3.23
C VAL D 311 -8.69 21.92 -4.39
N HIS D 312 -8.03 22.39 -5.45
CA HIS D 312 -7.87 21.64 -6.67
C HIS D 312 -6.42 21.17 -6.77
N VAL D 313 -6.24 19.86 -6.95
CA VAL D 313 -4.91 19.29 -7.04
C VAL D 313 -4.71 18.58 -8.39
N GLU D 314 -3.54 18.78 -8.98
CA GLU D 314 -3.13 18.00 -10.13
C GLU D 314 -1.63 17.82 -9.97
N VAL D 315 -1.25 16.81 -9.20
CA VAL D 315 0.16 16.52 -8.98
C VAL D 315 0.58 15.29 -9.77
N TYR D 316 1.89 15.06 -9.84
CA TYR D 316 2.45 13.94 -10.59
C TYR D 316 3.85 13.49 -10.16
CAC FLC E . -32.49 -7.82 -12.24
CA FLC E . -33.68 -8.75 -12.26
CB FLC E . -34.16 -9.14 -10.87
CBC FLC E . -35.27 -8.20 -10.41
CG FLC E . -34.66 -10.59 -10.92
CGC FLC E . -33.97 -11.48 -9.92
OA1 FLC E . -32.67 -6.63 -11.87
OA2 FLC E . -31.37 -8.25 -12.58
OB1 FLC E . -34.96 -7.01 -10.10
OB2 FLC E . -36.45 -8.61 -10.34
OG1 FLC E . -32.75 -11.70 -10.06
OG2 FLC E . -34.65 -11.96 -8.97
OHB FLC E . -33.09 -9.04 -9.93
PA FAD F . -1.85 -11.87 20.53
O1A FAD F . -2.19 -10.53 19.90
O2A FAD F . -0.88 -11.81 21.67
O5B FAD F . -1.35 -12.79 19.34
C5B FAD F . -2.15 -12.99 18.20
C4B FAD F . -2.09 -14.47 17.84
O4B FAD F . -0.72 -14.82 17.63
C3B FAD F . -2.62 -15.33 18.98
O3B FAD F . -3.32 -16.45 18.46
C2B FAD F . -1.39 -15.81 19.70
O2B FAD F . -1.55 -17.06 20.34
C1B FAD F . -0.36 -15.83 18.57
N9A FAD F . 1.00 -15.61 19.07
C8A FAD F . 1.43 -14.61 19.91
N7A FAD F . 2.75 -14.80 20.14
C5A FAD F . 3.15 -15.90 19.47
C6A FAD F . 4.38 -16.53 19.35
N6A FAD F . 5.46 -15.76 19.47
N1A FAD F . 4.48 -17.68 18.59
C2A FAD F . 3.37 -18.19 17.92
N3A FAD F . 2.16 -17.56 18.03
C4A FAD F . 2.05 -16.43 18.79
N1 FAD F . -11.73 -12.65 19.38
C2 FAD F . -12.62 -13.37 20.15
O2 FAD F . -12.23 -14.28 20.87
N3 FAD F . -13.95 -13.06 20.12
C4 FAD F . -14.45 -12.05 19.34
O4 FAD F . -15.67 -11.82 19.36
C4X FAD F . -13.56 -11.31 18.55
N5 FAD F . -14.00 -10.29 17.73
C5X FAD F . -13.11 -9.56 16.96
C6 FAD F . -13.60 -8.53 16.13
C7 FAD F . -12.70 -7.81 15.36
C7M FAD F . -13.22 -6.69 14.49
C8 FAD F . -11.32 -8.09 15.39
C8M FAD F . -10.35 -7.31 14.55
C9 FAD F . -10.85 -9.12 16.21
C9A FAD F . -11.75 -9.86 17.00
N10 FAD F . -11.31 -10.89 17.81
C10 FAD F . -12.20 -11.62 18.58
C1' FAD F . -9.87 -11.24 17.90
C2' FAD F . -9.38 -10.83 19.30
O2' FAD F . -9.09 -9.46 19.20
C3' FAD F . -8.21 -11.72 19.75
O3' FAD F . -8.17 -12.23 21.10
C4' FAD F . -6.94 -11.00 19.50
O4' FAD F . -7.00 -10.50 18.18
C5' FAD F . -5.83 -12.02 19.76
O5' FAD F . -5.68 -11.90 21.15
P FAD F . -4.33 -12.01 22.00
O1P FAD F . -3.97 -10.66 22.55
O2P FAD F . -4.70 -12.93 23.12
O3P FAD F . -3.20 -12.63 21.02
CAC FLC G . 6.98 31.28 16.05
CA FLC G . 5.81 30.51 15.49
CB FLC G . 6.25 29.07 15.16
CBC FLC G . 6.60 28.33 16.43
CG FLC G . 5.15 28.32 14.41
CGC FLC G . 5.65 27.00 13.85
OA1 FLC G . 7.56 30.89 17.10
OA2 FLC G . 7.33 32.30 15.43
OB1 FLC G . 7.70 27.74 16.47
OB2 FLC G . 5.80 28.33 17.39
OG1 FLC G . 5.64 26.00 14.57
OG2 FLC G . 6.07 26.97 12.67
OHB FLC G . 7.42 29.18 14.33
PA FAD H . 0.19 7.70 20.48
O1A FAD H . 0.50 6.25 20.36
O2A FAD H . -1.17 7.98 21.04
O5B FAD H . 0.60 8.27 19.05
C5B FAD H . -0.18 9.11 18.30
C4B FAD H . 0.63 10.32 17.92
O4B FAD H . -0.34 11.11 17.29
C3B FAD H . 1.09 11.15 19.12
O3B FAD H . 1.98 12.14 18.69
C2B FAD H . -0.17 11.86 19.53
O2B FAD H . 0.06 13.10 20.14
C1B FAD H . -0.92 12.01 18.21
N9A FAD H . -2.34 11.66 18.32
C8A FAD H . -2.88 10.63 19.03
N7A FAD H . -4.20 10.65 18.85
C5A FAD H . -4.51 11.68 18.02
C6A FAD H . -5.72 12.16 17.51
N6A FAD H . -6.86 11.55 17.84
N1A FAD H . -5.71 13.26 16.67
C2A FAD H . -4.53 13.89 16.34
N3A FAD H . -3.34 13.41 16.84
C4A FAD H . -3.34 12.33 17.68
N1 FAD H . 10.10 8.35 21.61
C2 FAD H . 10.78 9.08 22.54
O2 FAD H . 10.24 10.04 23.09
N3 FAD H . 12.06 8.74 22.87
C4 FAD H . 12.69 7.68 22.25
O4 FAD H . 13.85 7.42 22.56
C4X FAD H . 12.00 6.92 21.31
N5 FAD H . 12.61 5.84 20.69
C5X FAD H . 11.93 5.10 19.76
C6 FAD H . 12.56 4.01 19.16
C7 FAD H . 11.86 3.25 18.21
C7M FAD H . 12.59 2.09 17.57
C8 FAD H . 10.53 3.57 17.88
C8M FAD H . 9.72 2.78 16.88
C9 FAD H . 9.91 4.65 18.51
C9A FAD H . 10.62 5.42 19.45
N10 FAD H . 10.01 6.51 20.06
C10 FAD H . 10.70 7.26 21.00
C1' FAD H . 8.59 6.90 19.77
C2' FAD H . 7.79 6.60 21.05
O2' FAD H . 7.40 5.25 20.96
C3' FAD H . 6.65 7.61 21.31
O3' FAD H . 6.35 7.96 22.69
C4' FAD H . 5.41 7.01 20.76
O4' FAD H . 5.67 6.33 19.55
C5' FAD H . 4.32 8.09 20.79
O5' FAD H . 3.57 7.44 21.79
P FAD H . 2.26 7.89 22.51
O1P FAD H . 1.73 6.64 23.15
O2P FAD H . 2.43 8.99 23.54
O3P FAD H . 1.31 8.49 21.34
PA FAD I . -6.27 -2.92 -22.59
O1A FAD I . -4.88 -2.48 -22.28
O2A FAD I . -7.05 -1.84 -23.29
O5B FAD I . -6.90 -3.47 -21.22
C5B FAD I . -8.21 -3.19 -20.84
C4B FAD I . -9.06 -4.44 -20.70
O4B FAD I . -10.34 -3.98 -20.28
C3B FAD I . -9.30 -5.16 -22.02
O3B FAD I . -9.61 -6.51 -21.77
C2B FAD I . -10.52 -4.46 -22.61
O2B FAD I . -11.41 -5.31 -23.31
C1B FAD I . -11.21 -3.83 -21.40
N9A FAD I . -11.50 -2.41 -21.66
C8A FAD I . -10.66 -1.46 -22.21
N7A FAD I . -11.32 -0.29 -22.29
C5A FAD I . -12.57 -0.47 -21.81
C6A FAD I . -13.65 0.39 -21.65
N6A FAD I . -13.58 1.64 -22.11
N1A FAD I . -14.85 -0.09 -21.11
C2A FAD I . -14.96 -1.42 -20.72
N3A FAD I . -13.88 -2.26 -20.88
C4A FAD I . -12.71 -1.80 -21.41
N1 FAD I . -2.54 -12.16 -22.96
C2 FAD I . -2.59 -13.06 -24.02
O2 FAD I . -3.49 -13.00 -24.86
N3 FAD I . -1.62 -14.04 -24.14
C4 FAD I . -0.61 -14.16 -23.22
O4 FAD I . 0.23 -15.04 -23.35
C4X FAD I . -0.53 -13.25 -22.16
N5 FAD I . 0.49 -13.35 -21.24
C5X FAD I . 0.57 -12.48 -20.16
C6 FAD I . 1.61 -12.61 -19.23
C7 FAD I . 1.69 -11.71 -18.16
C7M FAD I . 2.81 -11.84 -17.16
C8 FAD I . 0.73 -10.69 -18.03
C8M FAD I . 0.78 -9.70 -16.90
C9 FAD I . -0.30 -10.59 -18.96
C9A FAD I . -0.38 -11.47 -20.03
N10 FAD I . -1.42 -11.36 -20.97
C10 FAD I . -1.50 -12.26 -22.03
C1' FAD I . -2.37 -10.21 -20.91
C2' FAD I . -2.03 -9.30 -22.09
O2' FAD I . -0.93 -8.47 -21.74
C3' FAD I . -3.30 -8.56 -22.60
O3' FAD I . -3.39 -8.47 -24.02
C4' FAD I . -3.39 -7.18 -22.01
O4' FAD I . -3.12 -7.27 -20.62
C5' FAD I . -4.78 -6.60 -22.30
O5' FAD I . -4.76 -6.28 -23.68
P FAD I . -5.12 -4.87 -24.37
O1P FAD I . -3.92 -4.00 -24.62
O2P FAD I . -5.71 -5.24 -25.72
O3P FAD I . -6.31 -4.25 -23.50
PA FAD J . 9.35 7.52 -17.59
O1A FAD J . 7.93 7.04 -17.79
O2A FAD J . 10.34 6.60 -18.25
O5B FAD J . 9.51 7.84 -16.02
C5B FAD J . 10.41 7.18 -15.17
C4B FAD J . 11.26 8.22 -14.44
O4B FAD J . 12.34 7.56 -13.83
C3B FAD J . 11.88 9.23 -15.40
O3B FAD J . 12.07 10.44 -14.72
C2B FAD J . 13.20 8.59 -15.78
O2B FAD J . 14.21 9.55 -16.00
C1B FAD J . 13.53 7.68 -14.60
N9A FAD J . 13.96 6.33 -15.03
C8A FAD J . 13.54 5.65 -16.15
N7A FAD J . 14.16 4.45 -16.19
C5A FAD J . 14.96 4.35 -15.10
C6A FAD J . 15.81 3.34 -14.66
N6A FAD J . 16.21 2.41 -15.52
N1A FAD J . 16.52 3.53 -13.48
C2A FAD J . 16.40 4.70 -12.75
N3A FAD J . 15.55 5.69 -13.21
C4A FAD J . 14.85 5.52 -14.36
N1 FAD J . 5.26 16.65 -17.42
C2 FAD J . 5.73 17.77 -18.04
O2 FAD J . 6.92 17.83 -18.34
N3 FAD J . 4.85 18.80 -18.31
C4 FAD J . 3.53 18.70 -17.95
O4 FAD J . 2.75 19.64 -18.18
C4X FAD J . 3.04 17.58 -17.30
N5 FAD J . 1.72 17.47 -16.94
C5X FAD J . 1.25 16.32 -16.32
C6 FAD J . -0.09 16.21 -15.95
C7 FAD J . -0.56 15.06 -15.32
C7M FAD J . -2.02 14.98 -14.93
C8 FAD J . 0.32 14.01 -15.07
C8M FAD J . -0.12 12.75 -14.39
C9 FAD J . 1.67 14.12 -15.43
C9A FAD J . 2.13 15.28 -16.07
N10 FAD J . 3.47 15.40 -16.44
C10 FAD J . 3.93 16.54 -17.06
C1' FAD J . 4.42 14.25 -16.27
C2' FAD J . 4.68 13.71 -17.68
O2' FAD J . 3.67 12.77 -17.99
C3' FAD J . 6.11 13.16 -17.76
O3' FAD J . 6.83 13.41 -18.96
C4' FAD J . 6.07 11.69 -17.57
O4' FAD J . 5.32 11.42 -16.41
C5' FAD J . 7.52 11.21 -17.54
O5' FAD J . 7.49 10.26 -18.58
P FAD J . 8.78 9.72 -19.34
O1P FAD J . 8.25 8.73 -20.36
O2P FAD J . 9.62 10.79 -19.97
O3P FAD J . 9.63 9.00 -18.17
#